data_7YAD
#
_entry.id   7YAD
#
loop_
_entity.id
_entity.type
_entity.pdbx_description
1 polymer 'S309 neutralizing antibody heavy chain'
2 polymer 'S309 neutralizing antibody light chain'
3 polymer 'Spike protein S1'
4 branched 2-acetamido-2-deoxy-beta-D-glucopyranose-(1-4)-[alpha-L-fucopyranose-(1-6)]2-acetamido-2-deoxy-beta-D-glucopyranose
#
loop_
_entity_poly.entity_id
_entity_poly.type
_entity_poly.pdbx_seq_one_letter_code
_entity_poly.pdbx_strand_id
1 'polypeptide(L)'
;QVQLVQSGAEVKKPGASVKVSCKASGYPFTSYGISWVRQAPGQGLEWMGWISTYNGNTNYAQKFQGRVTMTTDTSTTTGY
MELRRLRSDDTAVYYCARDYTRGAWFGESLIGGFDNWGQGTLVTVS
;
A,C
2 'polypeptide(L)'
;EIVLTQSPGTLSLSPGERATLSCRASQTVSSTSLAWYQQKPGQAPRLLIYGASSRATGIPDRFSGSGSGTDFTLTISRLE
PEDFAVYYCQQHDTSLTFGGGTKVEIKR
;
B,D
3 'polypeptide(L)'
;PNITNLCPFDEVFNATRFASVYAWNRKRISNCVADYSVLYNLAPFFTFKCYGVSPTKLNDLCFTNVYADSFVIRGDEVRQ
IAPGQTGNIADYNYKLPDDFTGCVIAWNSNKLDSKVSGNYNYLYRLFRKSNLKPFERDISTEIYQAGNKPCNGVAGFNCY
FPLRSYSFRPTYGVGHQPYRVVVLSFELLHAPATVCGPKK
;
M,E
#
loop_
_chem_comp.id
_chem_comp.type
_chem_comp.name
_chem_comp.formula
FUC L-saccharide, alpha linking alpha-L-fucopyranose 'C6 H12 O5'
NAG D-saccharide, beta linking 2-acetamido-2-deoxy-beta-D-glucopyranose 'C8 H15 N O6'
#
# COMPACT_ATOMS: atom_id res chain seq x y z
N GLN A 1 51.90 15.44 -6.32
CA GLN A 1 50.62 16.09 -6.12
C GLN A 1 50.04 16.57 -7.45
N VAL A 2 48.74 16.81 -7.47
CA VAL A 2 48.06 17.23 -8.69
C VAL A 2 48.30 18.71 -8.91
N GLN A 3 48.64 19.09 -10.14
CA GLN A 3 48.86 20.48 -10.50
C GLN A 3 48.42 20.71 -11.93
N LEU A 4 47.82 21.87 -12.18
CA LEU A 4 47.44 22.29 -13.53
C LEU A 4 48.04 23.65 -13.79
N VAL A 5 48.73 23.79 -14.93
CA VAL A 5 49.37 25.03 -15.32
C VAL A 5 48.80 25.47 -16.66
N GLN A 6 48.39 26.73 -16.74
CA GLN A 6 47.71 27.26 -17.91
C GLN A 6 48.67 28.05 -18.77
N SER A 7 48.14 28.72 -19.79
CA SER A 7 48.92 29.54 -20.70
C SER A 7 49.08 30.95 -20.12
N GLY A 8 49.57 31.88 -20.93
CA GLY A 8 49.79 33.24 -20.51
C GLY A 8 48.64 34.17 -20.88
N ALA A 9 48.80 35.43 -20.48
CA ALA A 9 47.77 36.43 -20.74
C ALA A 9 47.75 36.83 -22.21
N GLU A 10 46.60 37.32 -22.65
CA GLU A 10 46.41 37.77 -24.02
C GLU A 10 45.74 39.14 -24.03
N VAL A 11 46.02 39.90 -25.09
CA VAL A 11 45.48 41.24 -25.25
C VAL A 11 44.70 41.26 -26.56
N LYS A 12 44.05 40.15 -26.89
CA LYS A 12 43.35 40.00 -28.16
C LYS A 12 42.41 41.17 -28.41
N LYS A 13 42.48 41.71 -29.63
CA LYS A 13 41.65 42.84 -30.02
C LYS A 13 40.19 42.39 -30.16
N PRO A 14 39.25 43.32 -30.01
CA PRO A 14 37.84 42.95 -30.13
C PRO A 14 37.51 42.38 -31.51
N GLY A 15 36.66 41.35 -31.52
CA GLY A 15 36.21 40.71 -32.72
C GLY A 15 36.92 39.41 -33.07
N ALA A 16 38.09 39.17 -32.49
CA ALA A 16 38.89 38.00 -32.84
C ALA A 16 38.49 36.81 -31.98
N SER A 17 39.31 35.75 -32.01
CA SER A 17 39.08 34.56 -31.20
C SER A 17 40.36 34.23 -30.44
N VAL A 18 40.20 33.55 -29.31
CA VAL A 18 41.32 33.27 -28.41
C VAL A 18 41.30 31.80 -28.03
N LYS A 19 42.48 31.27 -27.71
CA LYS A 19 42.65 29.89 -27.28
C LYS A 19 43.44 29.86 -25.99
N VAL A 20 42.97 29.07 -25.02
CA VAL A 20 43.63 28.93 -23.73
C VAL A 20 43.95 27.46 -23.51
N SER A 21 45.14 27.18 -22.98
CA SER A 21 45.60 25.83 -22.75
C SER A 21 45.67 25.52 -21.26
N CYS A 22 45.74 24.22 -20.95
CA CYS A 22 45.77 23.75 -19.57
C CYS A 22 46.41 22.37 -19.56
N LYS A 23 47.62 22.26 -19.03
CA LYS A 23 48.36 21.01 -19.03
C LYS A 23 48.30 20.37 -17.64
N ALA A 24 47.96 19.08 -17.62
CA ALA A 24 47.76 18.34 -16.38
C ALA A 24 48.98 17.49 -16.04
N SER A 25 49.12 17.21 -14.75
CA SER A 25 50.23 16.39 -14.28
C SER A 25 49.94 15.90 -12.88
N GLY A 26 50.18 14.61 -12.64
CA GLY A 26 50.09 14.02 -11.32
C GLY A 26 48.96 13.06 -11.08
N TYR A 27 48.20 12.67 -12.11
CA TYR A 27 47.03 11.83 -11.93
C TYR A 27 46.68 11.19 -13.26
N PRO A 28 45.92 10.10 -13.25
CA PRO A 28 45.43 9.52 -14.51
C PRO A 28 44.51 10.48 -15.24
N PHE A 29 44.89 10.82 -16.47
CA PHE A 29 44.20 11.89 -17.20
C PHE A 29 42.81 11.46 -17.64
N THR A 30 42.66 10.20 -18.07
CA THR A 30 41.41 9.77 -18.69
C THR A 30 40.27 9.67 -17.68
N SER A 31 40.57 9.33 -16.44
CA SER A 31 39.54 9.05 -15.45
C SER A 31 38.72 10.27 -15.05
N TYR A 32 39.17 11.48 -15.35
CA TYR A 32 38.49 12.69 -14.94
C TYR A 32 38.27 13.61 -16.12
N GLY A 33 37.23 14.43 -16.05
CA GLY A 33 36.95 15.44 -17.04
C GLY A 33 37.56 16.78 -16.67
N ILE A 34 37.33 17.77 -17.54
CA ILE A 34 37.83 19.12 -17.35
C ILE A 34 36.68 20.10 -17.56
N SER A 35 36.51 21.01 -16.60
CA SER A 35 35.49 22.05 -16.66
C SER A 35 36.16 23.41 -16.72
N TRP A 36 35.40 24.40 -17.16
CA TRP A 36 35.93 25.76 -17.33
C TRP A 36 35.02 26.77 -16.62
N VAL A 37 35.64 27.62 -15.80
CA VAL A 37 34.93 28.62 -15.01
C VAL A 37 35.62 29.97 -15.23
N ARG A 38 34.82 31.02 -15.36
CA ARG A 38 35.35 32.36 -15.59
C ARG A 38 34.84 33.32 -14.53
N GLN A 39 35.65 34.35 -14.26
CA GLN A 39 35.33 35.33 -13.22
C GLN A 39 35.68 36.72 -13.75
N ALA A 40 34.67 37.55 -13.93
CA ALA A 40 34.90 38.93 -14.33
C ALA A 40 35.48 39.72 -13.16
N PRO A 41 36.25 40.77 -13.43
CA PRO A 41 36.87 41.53 -12.34
C PRO A 41 35.83 42.29 -11.53
N GLY A 42 35.70 41.93 -10.26
CA GLY A 42 34.72 42.55 -9.39
C GLY A 42 33.39 41.82 -9.31
N GLN A 43 33.28 40.64 -9.91
CA GLN A 43 32.04 39.87 -9.83
C GLN A 43 32.31 38.43 -9.47
N GLY A 44 31.28 37.57 -9.59
CA GLY A 44 31.38 36.19 -9.18
C GLY A 44 31.68 35.26 -10.34
N LEU A 45 31.67 33.96 -10.02
CA LEU A 45 32.05 32.93 -10.96
C LEU A 45 30.91 32.61 -11.92
N GLU A 46 31.25 31.91 -13.00
CA GLU A 46 30.28 31.51 -14.00
C GLU A 46 30.81 30.27 -14.71
N TRP A 47 29.90 29.37 -15.07
CA TRP A 47 30.25 28.06 -15.63
C TRP A 47 30.19 28.10 -17.14
N MET A 48 31.26 27.64 -17.79
CA MET A 48 31.35 27.65 -19.24
C MET A 48 30.89 26.34 -19.86
N GLY A 49 31.52 25.23 -19.49
CA GLY A 49 31.14 23.96 -20.06
C GLY A 49 31.90 22.82 -19.45
N TRP A 50 31.74 21.65 -20.07
CA TRP A 50 32.34 20.40 -19.59
C TRP A 50 32.78 19.57 -20.78
N ILE A 51 33.98 18.97 -20.68
CA ILE A 51 34.53 18.13 -21.72
C ILE A 51 35.06 16.85 -21.09
N SER A 52 34.80 15.72 -21.73
CA SER A 52 35.24 14.41 -21.26
C SER A 52 36.53 14.02 -21.97
N THR A 53 37.49 13.52 -21.19
CA THR A 53 38.80 13.18 -21.72
C THR A 53 38.90 11.74 -22.20
N TYR A 54 37.81 10.98 -22.16
CA TYR A 54 37.82 9.60 -22.61
C TYR A 54 37.09 9.39 -23.93
N ASN A 55 36.03 10.13 -24.20
CA ASN A 55 35.27 9.95 -25.43
C ASN A 55 34.91 11.25 -26.14
N GLY A 56 35.34 12.41 -25.64
CA GLY A 56 35.18 13.65 -26.37
C GLY A 56 33.82 14.31 -26.27
N ASN A 57 32.89 13.76 -25.51
CA ASN A 57 31.58 14.39 -25.38
C ASN A 57 31.70 15.70 -24.62
N THR A 58 30.79 16.63 -24.94
CA THR A 58 30.81 17.96 -24.36
C THR A 58 29.40 18.32 -23.87
N ASN A 59 29.36 19.29 -22.95
CA ASN A 59 28.10 19.78 -22.39
C ASN A 59 28.30 21.27 -22.08
N TYR A 60 27.91 22.12 -23.02
CA TYR A 60 28.13 23.56 -22.90
C TYR A 60 26.94 24.22 -22.21
N ALA A 61 27.21 25.39 -21.63
CA ALA A 61 26.16 26.17 -21.00
C ALA A 61 25.28 26.83 -22.06
N GLN A 62 24.05 27.14 -21.67
CA GLN A 62 23.09 27.71 -22.61
C GLN A 62 23.48 29.11 -23.06
N LYS A 63 24.29 29.82 -22.29
CA LYS A 63 24.66 31.18 -22.65
C LYS A 63 25.70 31.22 -23.77
N PHE A 64 26.55 30.20 -23.85
CA PHE A 64 27.62 30.13 -24.83
C PHE A 64 27.49 28.88 -25.69
N GLN A 65 26.26 28.54 -26.11
CA GLN A 65 26.03 27.27 -26.77
C GLN A 65 26.73 27.21 -28.13
N GLY A 66 26.53 28.22 -28.96
CA GLY A 66 27.05 28.18 -30.31
C GLY A 66 28.32 28.99 -30.51
N ARG A 67 29.03 29.29 -29.43
CA ARG A 67 30.22 30.13 -29.51
C ARG A 67 31.50 29.44 -29.08
N VAL A 68 31.45 28.51 -28.14
CA VAL A 68 32.65 27.92 -27.54
C VAL A 68 32.76 26.46 -27.95
N THR A 69 33.98 26.05 -28.27
CA THR A 69 34.30 24.66 -28.57
C THR A 69 35.50 24.23 -27.74
N MET A 70 35.45 23.02 -27.21
CA MET A 70 36.51 22.47 -26.38
C MET A 70 37.12 21.25 -27.05
N THR A 71 38.41 21.03 -26.79
CA THR A 71 39.14 19.94 -27.42
C THR A 71 40.27 19.51 -26.48
N THR A 72 40.49 18.21 -26.40
CA THR A 72 41.53 17.64 -25.56
C THR A 72 42.37 16.65 -26.34
N ASP A 73 43.65 16.57 -25.98
CA ASP A 73 44.59 15.64 -26.61
C ASP A 73 45.24 14.80 -25.52
N THR A 74 45.15 13.48 -25.65
CA THR A 74 45.68 12.60 -24.60
C THR A 74 47.21 12.54 -24.64
N SER A 75 47.81 12.77 -25.81
CA SER A 75 49.25 12.60 -25.94
C SER A 75 50.00 13.59 -25.06
N THR A 76 49.66 14.87 -25.16
CA THR A 76 50.31 15.90 -24.35
C THR A 76 49.59 16.15 -23.03
N THR A 77 48.43 15.54 -22.82
CA THR A 77 47.60 15.75 -21.63
C THR A 77 47.34 17.23 -21.41
N THR A 78 46.71 17.85 -22.41
CA THR A 78 46.42 19.28 -22.37
C THR A 78 45.03 19.53 -22.95
N GLY A 79 44.28 20.40 -22.29
CA GLY A 79 42.97 20.81 -22.76
C GLY A 79 43.03 22.15 -23.45
N TYR A 80 42.07 22.36 -24.35
CA TYR A 80 42.00 23.58 -25.14
C TYR A 80 40.60 24.17 -25.08
N MET A 81 40.53 25.50 -25.18
CA MET A 81 39.26 26.21 -25.14
C MET A 81 39.27 27.28 -26.22
N GLU A 82 38.30 27.18 -27.14
CA GLU A 82 38.16 28.12 -28.24
C GLU A 82 36.92 28.96 -28.03
N LEU A 83 37.09 30.28 -28.00
CA LEU A 83 35.97 31.22 -27.88
C LEU A 83 35.97 32.11 -29.11
N ARG A 84 34.85 32.09 -29.84
CA ARG A 84 34.74 32.78 -31.10
C ARG A 84 33.81 33.98 -30.97
N ARG A 85 34.01 34.96 -31.85
CA ARG A 85 33.22 36.20 -31.87
C ARG A 85 33.27 36.89 -30.51
N LEU A 86 34.48 37.29 -30.12
CA LEU A 86 34.68 37.93 -28.83
C LEU A 86 33.96 39.27 -28.77
N ARG A 87 33.49 39.61 -27.58
CA ARG A 87 32.79 40.86 -27.32
C ARG A 87 33.53 41.63 -26.23
N SER A 88 33.27 42.93 -26.17
CA SER A 88 33.94 43.77 -25.18
C SER A 88 33.63 43.37 -23.75
N ASP A 89 32.48 42.74 -23.53
CA ASP A 89 32.07 42.33 -22.19
C ASP A 89 32.55 40.93 -21.82
N ASP A 90 33.63 40.46 -22.45
CA ASP A 90 34.18 39.15 -22.15
C ASP A 90 35.51 39.22 -21.42
N THR A 91 35.91 40.38 -20.93
CA THR A 91 37.16 40.52 -20.20
C THR A 91 37.01 39.90 -18.82
N ALA A 92 37.74 38.82 -18.56
CA ALA A 92 37.62 38.10 -17.31
C ALA A 92 38.85 37.21 -17.13
N VAL A 93 38.85 36.45 -16.04
CA VAL A 93 39.90 35.48 -15.75
C VAL A 93 39.31 34.09 -15.90
N TYR A 94 39.86 33.31 -16.81
CA TYR A 94 39.34 31.98 -17.13
C TYR A 94 40.13 30.93 -16.36
N TYR A 95 39.42 29.94 -15.82
CA TYR A 95 40.01 28.93 -14.95
C TYR A 95 39.82 27.54 -15.55
N CYS A 96 40.75 26.65 -15.21
CA CYS A 96 40.74 25.26 -15.65
C CYS A 96 40.68 24.39 -14.39
N ALA A 97 39.66 23.55 -14.30
CA ALA A 97 39.42 22.78 -13.10
C ALA A 97 39.17 21.31 -13.43
N ARG A 98 39.67 20.44 -12.56
CA ARG A 98 39.40 19.00 -12.67
C ARG A 98 38.01 18.72 -12.12
N ASP A 99 37.23 17.96 -12.88
CA ASP A 99 35.80 17.82 -12.63
C ASP A 99 35.48 16.49 -12.00
N TYR A 100 34.76 16.52 -10.88
CA TYR A 100 34.19 15.34 -10.25
C TYR A 100 32.67 15.43 -10.16
N THR A 101 32.06 16.36 -10.89
CA THR A 101 30.61 16.54 -10.86
C THR A 101 29.88 15.71 -11.90
N ARG A 102 30.58 15.20 -12.90
CA ARG A 102 29.95 14.45 -13.97
C ARG A 102 30.91 13.36 -14.44
N GLY A 103 30.37 12.17 -14.67
CA GLY A 103 31.21 11.05 -15.05
C GLY A 103 31.81 11.22 -16.43
N ALA A 104 32.97 10.61 -16.62
CA ALA A 104 33.70 10.72 -17.88
C ALA A 104 33.28 9.65 -18.87
N TRP A 105 33.24 8.38 -18.45
CA TRP A 105 32.91 7.30 -19.36
C TRP A 105 31.43 7.24 -19.66
N PHE A 106 30.57 7.50 -18.66
CA PHE A 106 29.14 7.33 -18.82
C PHE A 106 28.35 8.62 -18.82
N GLY A 107 28.88 9.71 -18.27
CA GLY A 107 28.20 10.98 -18.33
C GLY A 107 27.07 11.17 -17.34
N GLU A 108 27.13 10.52 -16.19
CA GLU A 108 26.14 10.68 -15.14
C GLU A 108 26.71 11.53 -14.01
N SER A 109 25.81 12.13 -13.23
CA SER A 109 26.23 13.02 -12.16
C SER A 109 26.87 12.24 -11.02
N LEU A 110 27.73 12.92 -10.27
CA LEU A 110 28.47 12.31 -9.18
C LEU A 110 28.39 13.21 -7.95
N ILE A 111 28.99 12.74 -6.87
CA ILE A 111 29.07 13.48 -5.61
C ILE A 111 30.45 14.12 -5.56
N GLY A 112 30.50 15.44 -5.64
CA GLY A 112 31.77 16.13 -5.55
C GLY A 112 31.68 17.50 -6.18
N GLY A 113 32.84 18.03 -6.56
CA GLY A 113 32.92 19.34 -7.17
C GLY A 113 34.27 19.52 -7.82
N PHE A 114 34.55 20.77 -8.17
CA PHE A 114 35.83 21.12 -8.79
C PHE A 114 36.91 21.09 -7.71
N ASP A 115 37.72 20.05 -7.71
CA ASP A 115 38.64 19.78 -6.62
C ASP A 115 40.07 20.20 -6.87
N ASN A 116 40.38 20.72 -8.07
CA ASN A 116 41.74 21.14 -8.37
C ASN A 116 41.68 22.19 -9.46
N TRP A 117 42.00 23.44 -9.11
CA TRP A 117 41.96 24.55 -10.03
C TRP A 117 43.37 24.92 -10.49
N GLY A 118 43.44 25.68 -11.57
CA GLY A 118 44.70 26.15 -12.11
C GLY A 118 45.07 27.52 -11.58
N GLN A 119 46.11 28.09 -12.19
CA GLN A 119 46.62 29.39 -11.76
C GLN A 119 45.73 30.53 -12.24
N GLY A 120 45.14 30.41 -13.41
CA GLY A 120 44.28 31.45 -13.94
C GLY A 120 44.92 32.19 -15.10
N THR A 121 44.10 32.60 -16.06
CA THR A 121 44.56 33.29 -17.26
C THR A 121 43.72 34.54 -17.45
N LEU A 122 44.39 35.67 -17.69
CA LEU A 122 43.73 36.95 -17.88
C LEU A 122 43.61 37.26 -19.36
N VAL A 123 42.39 37.55 -19.81
CA VAL A 123 42.11 37.82 -21.21
C VAL A 123 41.33 39.13 -21.31
N THR A 124 41.71 39.97 -22.27
CA THR A 124 41.05 41.26 -22.45
C THR A 124 40.56 41.43 -23.88
N GLU B 1 16.41 27.86 -14.56
CA GLU B 1 17.42 27.18 -13.78
C GLU B 1 17.29 27.53 -12.30
N ILE B 2 17.87 26.68 -11.45
CA ILE B 2 17.81 26.91 -10.01
C ILE B 2 18.72 28.09 -9.65
N VAL B 3 18.18 29.04 -8.91
CA VAL B 3 18.88 30.26 -8.54
C VAL B 3 19.18 30.21 -7.06
N LEU B 4 20.43 30.41 -6.69
CA LEU B 4 20.86 30.40 -5.30
C LEU B 4 21.18 31.84 -4.86
N THR B 5 20.69 32.20 -3.68
CA THR B 5 20.88 33.53 -3.13
C THR B 5 21.56 33.42 -1.77
N GLN B 6 22.58 34.24 -1.55
CA GLN B 6 23.35 34.25 -0.32
C GLN B 6 23.11 35.57 0.41
N SER B 7 22.76 35.47 1.69
CA SER B 7 22.63 36.63 2.56
C SER B 7 23.30 36.35 3.89
N PRO B 8 23.99 37.34 4.47
CA PRO B 8 24.17 38.68 3.90
C PRO B 8 25.30 38.70 2.88
N GLY B 9 25.40 39.81 2.13
CA GLY B 9 26.50 39.94 1.19
C GLY B 9 27.85 40.13 1.84
N THR B 10 27.87 40.60 3.09
CA THR B 10 29.11 40.81 3.81
C THR B 10 28.86 40.53 5.29
N LEU B 11 29.85 39.94 5.94
CA LEU B 11 29.80 39.68 7.38
C LEU B 11 31.01 40.30 8.04
N SER B 12 30.77 41.16 9.02
CA SER B 12 31.81 41.75 9.85
C SER B 12 31.75 41.08 11.22
N LEU B 13 32.77 40.30 11.55
CA LEU B 13 32.72 39.47 12.74
C LEU B 13 34.06 39.59 13.46
N SER B 14 34.02 39.34 14.78
CA SER B 14 35.25 39.48 15.55
C SER B 14 36.13 38.24 15.39
N PRO B 15 37.45 38.42 15.39
CA PRO B 15 38.35 37.31 15.09
C PRO B 15 38.47 36.28 16.21
N GLY B 16 37.61 35.26 16.18
CA GLY B 16 37.67 34.22 17.18
C GLY B 16 36.35 33.60 17.57
N GLU B 17 35.24 34.14 17.08
CA GLU B 17 33.93 33.57 17.35
C GLU B 17 33.38 32.88 16.11
N ARG B 18 32.17 32.36 16.25
CA ARG B 18 31.59 31.44 15.28
C ARG B 18 30.77 32.17 14.23
N ALA B 19 30.93 31.77 12.97
CA ALA B 19 30.25 32.39 11.84
C ALA B 19 29.21 31.44 11.25
N THR B 20 28.35 31.98 10.40
CA THR B 20 27.28 31.21 9.78
C THR B 20 26.84 31.92 8.51
N LEU B 21 26.74 31.15 7.42
CA LEU B 21 26.37 31.68 6.12
C LEU B 21 25.15 30.94 5.60
N SER B 22 24.46 31.56 4.64
CA SER B 22 23.21 31.02 4.12
C SER B 22 23.24 30.89 2.61
N CYS B 23 22.71 29.78 2.10
CA CYS B 23 22.55 29.55 0.66
C CYS B 23 21.19 28.89 0.47
N ARG B 24 20.19 29.69 0.10
CA ARG B 24 18.82 29.22 -0.01
C ARG B 24 18.47 29.02 -1.49
N ALA B 25 17.84 27.88 -1.79
CA ALA B 25 17.55 27.50 -3.16
C ALA B 25 16.09 27.77 -3.49
N SER B 26 15.86 28.30 -4.70
CA SER B 26 14.49 28.57 -5.13
C SER B 26 13.69 27.28 -5.23
N GLN B 27 14.22 26.29 -5.93
CA GLN B 27 13.59 24.99 -6.06
C GLN B 27 14.22 24.02 -5.05
N THR B 28 13.88 22.74 -5.17
CA THR B 28 14.43 21.71 -4.31
C THR B 28 15.71 21.16 -4.93
N VAL B 29 16.79 21.18 -4.16
CA VAL B 29 18.09 20.68 -4.60
C VAL B 29 18.48 19.52 -3.72
N SER B 30 18.85 18.40 -4.34
CA SER B 30 19.23 17.22 -3.59
C SER B 30 20.50 17.47 -2.78
N SER B 31 20.60 16.79 -1.64
CA SER B 31 21.78 16.91 -0.79
C SER B 31 23.02 16.31 -1.43
N THR B 32 22.87 15.56 -2.52
CA THR B 32 23.99 14.98 -3.24
C THR B 32 24.79 16.02 -4.02
N SER B 33 24.17 17.15 -4.36
CA SER B 33 24.67 18.04 -5.39
C SER B 33 24.86 19.45 -4.86
N LEU B 34 25.54 19.59 -3.73
CA LEU B 34 25.87 20.91 -3.22
C LEU B 34 27.29 20.91 -2.66
N ALA B 35 28.01 21.99 -2.91
CA ALA B 35 29.40 22.11 -2.48
C ALA B 35 29.71 23.56 -2.19
N TRP B 36 30.79 23.77 -1.44
CA TRP B 36 31.22 25.11 -1.03
C TRP B 36 32.66 25.32 -1.46
N TYR B 37 33.02 26.58 -1.69
CA TYR B 37 34.36 26.95 -2.13
C TYR B 37 34.82 28.17 -1.36
N GLN B 38 36.14 28.33 -1.28
CA GLN B 38 36.77 29.47 -0.61
C GLN B 38 37.78 30.10 -1.55
N GLN B 39 37.79 31.42 -1.60
CA GLN B 39 38.64 32.18 -2.52
C GLN B 39 39.31 33.32 -1.75
N LYS B 40 40.55 33.10 -1.31
CA LYS B 40 41.31 34.18 -0.73
C LYS B 40 41.71 35.18 -1.82
N PRO B 41 41.84 36.45 -1.48
CA PRO B 41 42.16 37.45 -2.51
C PRO B 41 43.49 37.15 -3.18
N GLY B 42 43.52 37.35 -4.49
CA GLY B 42 44.74 37.08 -5.27
C GLY B 42 45.18 35.64 -5.24
N GLN B 43 44.24 34.70 -5.35
CA GLN B 43 44.53 33.28 -5.38
C GLN B 43 43.44 32.60 -6.22
N ALA B 44 43.40 31.27 -6.17
CA ALA B 44 42.44 30.47 -6.89
C ALA B 44 41.50 29.76 -5.92
N PRO B 45 40.26 29.48 -6.34
CA PRO B 45 39.32 28.82 -5.44
C PRO B 45 39.76 27.40 -5.11
N ARG B 46 39.36 26.95 -3.93
CA ARG B 46 39.61 25.58 -3.50
C ARG B 46 38.35 25.00 -2.87
N LEU B 47 38.25 23.68 -2.91
CA LEU B 47 37.08 22.97 -2.45
C LEU B 47 37.16 22.73 -0.95
N LEU B 48 36.03 22.95 -0.26
CA LEU B 48 35.95 22.77 1.18
C LEU B 48 34.99 21.65 1.57
N ILE B 49 33.74 21.71 1.14
CA ILE B 49 32.71 20.75 1.52
C ILE B 49 32.04 20.24 0.26
N TYR B 50 31.87 18.93 0.16
CA TYR B 50 31.12 18.32 -0.92
C TYR B 50 30.08 17.37 -0.33
N GLY B 51 28.92 17.29 -0.99
CA GLY B 51 27.82 16.53 -0.45
C GLY B 51 27.07 17.21 0.66
N ALA B 52 27.40 18.47 0.95
CA ALA B 52 26.76 19.32 1.95
C ALA B 52 27.08 18.90 3.37
N SER B 53 27.72 17.76 3.53
CA SER B 53 28.16 17.33 4.85
C SER B 53 29.62 16.89 4.90
N SER B 54 30.11 16.24 3.84
CA SER B 54 31.45 15.70 3.86
C SER B 54 32.49 16.80 3.68
N ARG B 55 33.72 16.49 4.07
CA ARG B 55 34.83 17.44 4.05
C ARG B 55 35.86 17.01 3.02
N ALA B 56 36.43 17.98 2.32
CA ALA B 56 37.42 17.71 1.30
C ALA B 56 38.76 17.34 1.95
N THR B 57 39.72 16.95 1.11
CA THR B 57 41.02 16.52 1.61
C THR B 57 41.87 17.72 2.01
N GLY B 58 42.41 17.69 3.22
CA GLY B 58 43.27 18.77 3.68
C GLY B 58 42.56 19.95 4.28
N ILE B 59 41.33 19.79 4.72
CA ILE B 59 40.54 20.87 5.31
C ILE B 59 40.40 20.58 6.80
N PRO B 60 40.74 21.51 7.69
CA PRO B 60 40.65 21.26 9.12
C PRO B 60 39.21 21.00 9.56
N ASP B 61 39.07 20.64 10.83
CA ASP B 61 37.80 20.19 11.38
C ASP B 61 36.88 21.34 11.79
N ARG B 62 37.31 22.59 11.64
CA ARG B 62 36.48 23.71 12.03
C ARG B 62 35.43 24.08 10.99
N PHE B 63 35.53 23.55 9.77
CA PHE B 63 34.55 23.80 8.74
C PHE B 63 33.53 22.67 8.71
N SER B 64 32.25 23.03 8.79
CA SER B 64 31.18 22.03 8.79
C SER B 64 29.98 22.61 8.06
N GLY B 65 29.15 21.71 7.53
CA GLY B 65 27.97 22.12 6.79
C GLY B 65 26.85 21.13 6.97
N SER B 66 25.63 21.63 6.78
CA SER B 66 24.43 20.81 6.93
C SER B 66 23.31 21.47 6.13
N GLY B 67 22.12 20.89 6.22
CA GLY B 67 20.95 21.42 5.54
C GLY B 67 20.40 20.48 4.50
N SER B 68 19.13 20.68 4.13
CA SER B 68 18.51 19.84 3.11
C SER B 68 17.31 20.57 2.53
N GLY B 69 16.99 20.24 1.29
CA GLY B 69 15.78 20.73 0.65
C GLY B 69 15.88 22.11 0.05
N THR B 70 15.87 23.13 0.91
CA THR B 70 15.87 24.51 0.44
C THR B 70 16.92 25.35 1.20
N ASP B 71 17.21 24.97 2.44
CA ASP B 71 18.09 25.73 3.30
C ASP B 71 19.37 24.96 3.54
N PHE B 72 20.51 25.61 3.29
CA PHE B 72 21.82 25.04 3.53
C PHE B 72 22.66 26.06 4.29
N THR B 73 23.50 25.57 5.20
CA THR B 73 24.25 26.44 6.10
C THR B 73 25.67 25.95 6.22
N LEU B 74 26.62 26.89 6.17
CA LEU B 74 28.03 26.61 6.39
C LEU B 74 28.48 27.31 7.66
N THR B 75 29.07 26.55 8.58
CA THR B 75 29.42 27.05 9.89
C THR B 75 30.90 26.84 10.16
N ILE B 76 31.50 27.79 10.84
CA ILE B 76 32.90 27.73 11.26
C ILE B 76 32.94 27.84 12.77
N SER B 77 33.62 26.88 13.42
CA SER B 77 33.65 26.87 14.87
C SER B 77 34.36 28.09 15.42
N ARG B 78 35.54 28.40 14.88
CA ARG B 78 36.30 29.55 15.30
C ARG B 78 37.13 30.05 14.14
N LEU B 79 37.51 31.31 14.20
CA LEU B 79 38.18 31.97 13.08
C LEU B 79 39.68 32.04 13.32
N GLU B 80 40.40 32.12 12.20
CA GLU B 80 41.85 32.31 12.16
C GLU B 80 42.14 33.37 11.12
N PRO B 81 43.35 33.94 11.13
CA PRO B 81 43.68 34.96 10.12
C PRO B 81 43.62 34.45 8.69
N GLU B 82 43.63 33.13 8.48
CA GLU B 82 43.56 32.56 7.14
C GLU B 82 42.14 32.19 6.71
N ASP B 83 41.13 32.58 7.49
CA ASP B 83 39.74 32.21 7.21
C ASP B 83 38.87 33.41 6.88
N PHE B 84 39.47 34.47 6.34
CA PHE B 84 38.74 35.68 5.97
C PHE B 84 38.81 35.83 4.46
N ALA B 85 37.80 35.31 3.77
CA ALA B 85 37.79 35.34 2.31
C ALA B 85 36.34 35.32 1.84
N VAL B 86 36.15 35.13 0.54
CA VAL B 86 34.83 35.05 -0.08
C VAL B 86 34.45 33.59 -0.25
N TYR B 87 33.21 33.25 0.12
CA TYR B 87 32.72 31.90 0.06
C TYR B 87 31.59 31.80 -0.95
N TYR B 88 31.55 30.70 -1.69
CA TYR B 88 30.55 30.47 -2.72
C TYR B 88 29.87 29.12 -2.48
N CYS B 89 28.65 29.00 -2.98
CA CYS B 89 27.87 27.77 -2.88
C CYS B 89 27.45 27.32 -4.27
N GLN B 90 27.65 26.03 -4.54
CA GLN B 90 27.43 25.44 -5.86
C GLN B 90 26.34 24.38 -5.80
N GLN B 91 25.65 24.21 -6.93
CA GLN B 91 24.72 23.10 -7.11
C GLN B 91 24.82 22.59 -8.53
N HIS B 92 24.59 21.29 -8.71
CA HIS B 92 24.48 20.70 -10.04
C HIS B 92 23.35 19.68 -10.08
N ASP B 93 22.24 19.99 -9.41
CA ASP B 93 21.06 19.15 -9.53
C ASP B 93 20.46 19.27 -10.93
N THR B 94 20.33 20.50 -11.43
CA THR B 94 19.93 20.76 -12.81
C THR B 94 20.90 21.78 -13.39
N SER B 95 21.60 21.40 -14.45
CA SER B 95 22.66 22.22 -15.07
C SER B 95 23.73 22.47 -13.99
N LEU B 96 24.31 23.66 -13.93
CA LEU B 96 25.29 23.98 -12.89
C LEU B 96 25.28 25.48 -12.68
N THR B 97 25.00 25.92 -11.46
CA THR B 97 24.91 27.33 -11.13
C THR B 97 25.70 27.62 -9.86
N PHE B 98 26.18 28.85 -9.75
CA PHE B 98 26.94 29.31 -8.61
C PHE B 98 26.11 30.27 -7.77
N GLY B 99 26.71 30.77 -6.69
CA GLY B 99 26.07 31.71 -5.81
C GLY B 99 26.66 33.11 -5.94
N GLY B 100 26.01 34.05 -5.25
CA GLY B 100 26.44 35.43 -5.32
C GLY B 100 27.78 35.66 -4.64
N GLY B 101 28.01 35.02 -3.49
CA GLY B 101 29.27 35.16 -2.80
C GLY B 101 29.18 36.05 -1.57
N THR B 102 29.66 35.54 -0.44
CA THR B 102 29.61 36.26 0.83
C THR B 102 31.02 36.54 1.31
N LYS B 103 31.28 37.78 1.67
CA LYS B 103 32.60 38.20 2.15
C LYS B 103 32.61 38.25 3.68
N VAL B 104 33.77 37.95 4.26
CA VAL B 104 33.99 37.99 5.69
C VAL B 104 35.20 38.86 5.96
N GLU B 105 35.04 39.83 6.86
CA GLU B 105 36.13 40.74 7.19
C GLU B 105 36.48 40.71 8.67
N PRO C 1 48.74 -7.66 -21.32
CA PRO C 1 48.60 -6.68 -22.40
C PRO C 1 48.86 -5.26 -21.91
N ASN C 2 49.26 -4.37 -22.81
CA ASN C 2 49.63 -3.01 -22.46
C ASN C 2 48.46 -2.08 -22.71
N ILE C 3 47.72 -1.78 -21.64
CA ILE C 3 46.60 -0.85 -21.68
C ILE C 3 46.80 0.19 -20.58
N THR C 4 46.51 1.45 -20.89
CA THR C 4 46.83 2.56 -20.00
C THR C 4 45.66 3.02 -19.15
N ASN C 5 44.44 3.00 -19.69
CA ASN C 5 43.29 3.56 -18.98
C ASN C 5 42.99 2.77 -17.71
N LEU C 6 42.39 3.45 -16.74
CA LEU C 6 42.00 2.84 -15.48
C LEU C 6 40.49 2.67 -15.43
N CYS C 7 40.05 1.66 -14.70
CA CYS C 7 38.64 1.32 -14.68
C CYS C 7 37.84 2.32 -13.85
N PRO C 8 36.63 2.69 -14.29
CA PRO C 8 35.81 3.69 -13.58
C PRO C 8 34.91 3.07 -12.51
N PHE C 9 35.51 2.55 -11.44
CA PHE C 9 34.72 2.05 -10.33
C PHE C 9 34.20 3.17 -9.44
N ASP C 10 34.82 4.35 -9.47
CA ASP C 10 34.29 5.49 -8.75
C ASP C 10 33.11 6.13 -9.47
N GLU C 11 32.92 5.80 -10.74
CA GLU C 11 31.79 6.30 -11.53
C GLU C 11 30.51 5.53 -11.27
N VAL C 12 30.60 4.37 -10.64
CA VAL C 12 29.42 3.55 -10.35
C VAL C 12 29.11 3.48 -8.86
N PHE C 13 30.02 3.91 -8.01
CA PHE C 13 29.82 3.89 -6.56
C PHE C 13 29.49 5.25 -5.99
N ASN C 14 30.11 6.31 -6.50
CA ASN C 14 29.91 7.67 -6.02
C ASN C 14 28.92 8.43 -6.89
N ALA C 15 27.94 7.72 -7.45
CA ALA C 15 26.95 8.33 -8.33
C ALA C 15 25.86 9.01 -7.52
N THR C 16 25.09 9.85 -8.20
CA THR C 16 24.05 10.64 -7.55
C THR C 16 22.74 9.88 -7.47
N ARG C 17 22.21 9.45 -8.62
CA ARG C 17 20.94 8.75 -8.70
C ARG C 17 21.19 7.27 -8.99
N PHE C 18 20.49 6.41 -8.27
CA PHE C 18 20.51 4.98 -8.51
C PHE C 18 19.13 4.54 -9.00
N ALA C 19 19.12 3.65 -9.97
CA ALA C 19 17.87 3.24 -10.60
C ALA C 19 17.03 2.41 -9.64
N SER C 20 15.74 2.29 -9.98
CA SER C 20 14.84 1.46 -9.21
C SER C 20 15.14 -0.02 -9.45
N VAL C 21 14.53 -0.88 -8.64
CA VAL C 21 14.82 -2.30 -8.74
C VAL C 21 14.25 -2.90 -10.03
N TYR C 22 13.15 -2.35 -10.53
CA TYR C 22 12.51 -2.95 -11.70
C TYR C 22 13.04 -2.42 -13.01
N ALA C 23 13.91 -1.42 -12.99
CA ALA C 23 14.55 -0.90 -14.19
C ALA C 23 16.04 -0.69 -13.93
N TRP C 24 16.68 -1.71 -13.34
CA TRP C 24 18.04 -1.55 -12.86
C TRP C 24 19.01 -1.27 -14.01
N ASN C 25 20.01 -0.45 -13.72
CA ASN C 25 20.96 -0.03 -14.73
C ASN C 25 22.09 -1.04 -14.85
N ARG C 26 22.51 -1.30 -16.09
CA ARG C 26 23.61 -2.20 -16.39
C ARG C 26 24.64 -1.46 -17.22
N LYS C 27 25.90 -1.55 -16.80
CA LYS C 27 27.01 -0.89 -17.47
C LYS C 27 28.03 -1.93 -17.89
N ARG C 28 28.80 -1.61 -18.92
CA ARG C 28 29.86 -2.47 -19.42
C ARG C 28 31.21 -1.81 -19.17
N ILE C 29 32.10 -2.52 -18.49
CA ILE C 29 33.45 -2.04 -18.18
C ILE C 29 34.43 -2.94 -18.91
N SER C 30 35.24 -2.35 -19.79
CA SER C 30 36.20 -3.12 -20.57
C SER C 30 37.38 -2.24 -20.92
N ASN C 31 38.51 -2.89 -21.20
CA ASN C 31 39.73 -2.24 -21.66
C ASN C 31 40.25 -1.23 -20.62
N CYS C 32 40.55 -1.72 -19.43
CA CYS C 32 41.08 -0.89 -18.38
C CYS C 32 41.77 -1.75 -17.34
N VAL C 33 42.63 -1.12 -16.55
CA VAL C 33 43.31 -1.77 -15.43
C VAL C 33 42.45 -1.57 -14.18
N ALA C 34 42.08 -2.67 -13.54
CA ALA C 34 41.16 -2.63 -12.41
C ALA C 34 41.94 -2.67 -11.10
N ASP C 35 41.64 -1.74 -10.21
CA ASP C 35 42.23 -1.69 -8.88
C ASP C 35 41.11 -1.82 -7.86
N TYR C 36 40.90 -3.02 -7.35
CA TYR C 36 39.85 -3.28 -6.38
C TYR C 36 40.27 -2.94 -4.96
N SER C 37 41.51 -2.47 -4.76
CA SER C 37 41.97 -2.17 -3.41
C SER C 37 41.19 -1.01 -2.79
N VAL C 38 40.65 -0.11 -3.62
CA VAL C 38 39.90 1.02 -3.08
C VAL C 38 38.62 0.55 -2.38
N LEU C 39 38.10 -0.62 -2.74
CA LEU C 39 36.87 -1.11 -2.13
C LEU C 39 37.09 -1.60 -0.71
N TYR C 40 38.21 -2.29 -0.46
CA TYR C 40 38.46 -2.83 0.88
C TYR C 40 38.84 -1.72 1.86
N ASN C 41 39.52 -0.67 1.38
CA ASN C 41 40.00 0.38 2.25
C ASN C 41 38.87 1.18 2.90
N LEU C 42 37.63 1.02 2.43
CA LEU C 42 36.51 1.73 3.02
C LEU C 42 36.24 1.24 4.44
N ALA C 43 35.47 2.04 5.18
CA ALA C 43 35.20 1.73 6.57
C ALA C 43 34.39 0.43 6.69
N PRO C 44 34.55 -0.31 7.80
CA PRO C 44 33.90 -1.62 7.90
C PRO C 44 32.38 -1.56 8.04
N PHE C 45 31.71 -0.93 7.07
CA PHE C 45 30.27 -0.98 6.98
C PHE C 45 29.77 -1.44 5.61
N PHE C 46 30.65 -1.59 4.63
CA PHE C 46 30.29 -2.19 3.36
C PHE C 46 30.18 -3.69 3.53
N THR C 47 29.06 -4.27 3.08
CA THR C 47 28.87 -5.71 3.13
C THR C 47 29.46 -6.31 1.86
N PHE C 48 30.77 -6.49 1.86
CA PHE C 48 31.50 -7.03 0.72
C PHE C 48 31.74 -8.51 0.96
N LYS C 49 30.71 -9.32 0.69
CA LYS C 49 30.81 -10.76 0.77
C LYS C 49 30.40 -11.32 -0.58
N CYS C 50 31.29 -12.10 -1.20
CA CYS C 50 31.04 -12.45 -2.59
C CYS C 50 31.61 -13.82 -2.92
N TYR C 51 31.19 -14.32 -4.08
CA TYR C 51 31.18 -15.75 -4.40
C TYR C 51 32.05 -16.05 -5.60
N GLY C 52 32.45 -17.31 -5.72
CA GLY C 52 33.22 -17.78 -6.84
C GLY C 52 34.67 -17.34 -6.88
N VAL C 53 35.04 -16.33 -6.09
CA VAL C 53 36.40 -15.82 -6.09
C VAL C 53 36.59 -15.03 -4.80
N SER C 54 37.78 -15.17 -4.21
CA SER C 54 38.08 -14.46 -2.98
C SER C 54 38.34 -12.99 -3.29
N PRO C 55 37.96 -12.08 -2.39
CA PRO C 55 38.22 -10.65 -2.66
C PRO C 55 39.69 -10.32 -2.78
N THR C 56 40.56 -10.98 -2.03
CA THR C 56 41.96 -10.58 -1.98
C THR C 56 42.70 -10.95 -3.26
N LYS C 57 42.25 -11.98 -3.98
CA LYS C 57 42.94 -12.45 -5.17
C LYS C 57 42.47 -11.77 -6.44
N LEU C 58 41.61 -10.75 -6.35
CA LEU C 58 41.06 -10.12 -7.54
C LEU C 58 42.10 -9.35 -8.34
N ASN C 59 43.21 -8.96 -7.71
CA ASN C 59 44.18 -8.08 -8.36
C ASN C 59 45.13 -8.82 -9.30
N ASP C 60 45.07 -10.14 -9.37
CA ASP C 60 46.01 -10.92 -10.17
C ASP C 60 45.32 -11.76 -11.23
N LEU C 61 44.12 -11.37 -11.66
CA LEU C 61 43.36 -12.12 -12.65
C LEU C 61 42.95 -11.20 -13.79
N CYS C 62 42.69 -11.81 -14.94
CA CYS C 62 42.21 -11.11 -16.11
C CYS C 62 40.81 -11.59 -16.47
N PHE C 63 39.95 -10.66 -16.88
CA PHE C 63 38.55 -10.95 -17.14
C PHE C 63 38.17 -10.46 -18.53
N THR C 64 37.29 -11.22 -19.18
CA THR C 64 36.87 -10.85 -20.53
C THR C 64 36.04 -9.57 -20.51
N ASN C 65 35.03 -9.51 -19.65
CA ASN C 65 34.17 -8.35 -19.54
C ASN C 65 33.58 -8.32 -18.14
N VAL C 66 33.47 -7.12 -17.58
CA VAL C 66 32.90 -6.92 -16.25
C VAL C 66 31.66 -6.06 -16.39
N TYR C 67 30.55 -6.55 -15.85
CA TYR C 67 29.28 -5.84 -15.87
C TYR C 67 28.92 -5.41 -14.45
N ALA C 68 28.48 -4.17 -14.32
CA ALA C 68 28.08 -3.61 -13.02
C ALA C 68 26.61 -3.26 -13.04
N ASP C 69 25.88 -3.68 -12.01
CA ASP C 69 24.47 -3.41 -11.86
C ASP C 69 24.23 -2.68 -10.55
N SER C 70 23.32 -1.71 -10.55
CA SER C 70 23.06 -0.90 -9.37
C SER C 70 21.56 -0.69 -9.21
N PHE C 71 21.09 -0.74 -7.97
CA PHE C 71 19.70 -0.46 -7.64
C PHE C 71 19.59 -0.23 -6.14
N VAL C 72 18.44 0.31 -5.73
CA VAL C 72 18.15 0.61 -4.32
C VAL C 72 16.97 -0.24 -3.89
N ILE C 73 17.16 -1.00 -2.81
CA ILE C 73 16.14 -1.87 -2.27
C ILE C 73 16.06 -1.67 -0.75
N ARG C 74 15.21 -2.46 -0.12
CA ARG C 74 14.95 -2.38 1.31
C ARG C 74 16.07 -3.04 2.09
N GLY C 75 16.15 -2.70 3.38
CA GLY C 75 17.28 -3.16 4.18
C GLY C 75 17.32 -4.66 4.39
N ASP C 76 16.17 -5.27 4.67
CA ASP C 76 16.15 -6.70 4.94
C ASP C 76 16.04 -7.55 3.69
N GLU C 77 15.90 -6.93 2.52
CA GLU C 77 15.84 -7.66 1.26
C GLU C 77 17.22 -7.88 0.65
N VAL C 78 18.28 -7.37 1.27
CA VAL C 78 19.62 -7.60 0.76
C VAL C 78 19.98 -9.08 0.83
N ARG C 79 19.38 -9.81 1.76
CA ARG C 79 19.61 -11.25 1.84
C ARG C 79 19.16 -11.96 0.58
N GLN C 80 18.16 -11.42 -0.12
CA GLN C 80 17.61 -12.07 -1.29
C GLN C 80 18.50 -11.96 -2.52
N ILE C 81 19.51 -11.09 -2.50
CA ILE C 81 20.43 -10.96 -3.64
C ILE C 81 21.55 -11.96 -3.41
N ALA C 82 21.30 -13.20 -3.80
CA ALA C 82 22.26 -14.29 -3.69
C ALA C 82 21.78 -15.43 -4.57
N PRO C 83 22.68 -16.28 -5.07
CA PRO C 83 22.24 -17.41 -5.89
C PRO C 83 21.35 -18.36 -5.12
N GLY C 84 20.37 -18.93 -5.80
CA GLY C 84 19.48 -19.90 -5.20
C GLY C 84 18.63 -19.33 -4.08
N GLN C 85 18.03 -18.17 -4.31
CA GLN C 85 17.16 -17.54 -3.33
C GLN C 85 15.79 -17.31 -3.92
N THR C 86 14.79 -17.19 -3.04
CA THR C 86 13.42 -16.94 -3.43
C THR C 86 12.84 -15.82 -2.58
N GLY C 87 11.89 -15.10 -3.16
CA GLY C 87 11.27 -13.98 -2.48
C GLY C 87 10.59 -13.08 -3.48
N ASN C 88 10.14 -11.93 -2.97
CA ASN C 88 9.46 -10.97 -3.83
C ASN C 88 10.42 -10.33 -4.82
N ILE C 89 11.56 -9.84 -4.33
CA ILE C 89 12.55 -9.23 -5.21
C ILE C 89 13.22 -10.27 -6.08
N ALA C 90 13.51 -11.44 -5.52
CA ALA C 90 14.23 -12.47 -6.26
C ALA C 90 13.39 -13.06 -7.39
N ASP C 91 12.07 -13.09 -7.24
CA ASP C 91 11.22 -13.76 -8.22
C ASP C 91 10.49 -12.80 -9.15
N TYR C 92 10.51 -11.50 -8.88
CA TYR C 92 9.79 -10.54 -9.71
C TYR C 92 10.62 -9.37 -10.22
N ASN C 93 11.75 -9.06 -9.60
CA ASN C 93 12.54 -7.90 -9.99
C ASN C 93 13.94 -8.26 -10.47
N TYR C 94 14.72 -8.98 -9.68
CA TYR C 94 16.12 -9.27 -10.00
C TYR C 94 16.42 -10.72 -9.67
N LYS C 95 17.06 -11.42 -10.61
CA LYS C 95 17.37 -12.84 -10.45
C LYS C 95 18.83 -13.08 -10.73
N LEU C 96 19.48 -13.86 -9.86
CA LEU C 96 20.89 -14.21 -10.01
C LEU C 96 21.02 -15.68 -10.36
N PRO C 97 21.85 -16.04 -11.33
CA PRO C 97 21.98 -17.44 -11.71
C PRO C 97 22.69 -18.25 -10.64
N ASP C 98 22.47 -19.57 -10.70
CA ASP C 98 23.08 -20.47 -9.73
C ASP C 98 24.60 -20.45 -9.81
N ASP C 99 25.14 -20.39 -11.03
CA ASP C 99 26.57 -20.14 -11.24
C ASP C 99 26.79 -18.66 -11.56
N PHE C 100 27.38 -17.94 -10.62
CA PHE C 100 27.43 -16.49 -10.68
C PHE C 100 28.83 -15.92 -10.88
N THR C 101 29.84 -16.47 -10.20
CA THR C 101 31.24 -16.02 -10.24
C THR C 101 31.35 -14.50 -10.31
N GLY C 102 30.79 -13.84 -9.31
CA GLY C 102 30.87 -12.39 -9.21
C GLY C 102 30.91 -11.90 -7.78
N CYS C 103 30.68 -10.61 -7.56
CA CYS C 103 30.66 -10.07 -6.21
C CYS C 103 29.48 -9.13 -6.00
N VAL C 104 28.95 -9.16 -4.78
CA VAL C 104 27.78 -8.39 -4.38
C VAL C 104 28.17 -7.44 -3.26
N ILE C 105 27.84 -6.16 -3.42
CA ILE C 105 28.21 -5.11 -2.49
C ILE C 105 26.98 -4.32 -2.11
N ALA C 106 26.86 -3.97 -0.82
CA ALA C 106 25.71 -3.23 -0.33
C ALA C 106 26.13 -2.38 0.86
N TRP C 107 25.54 -1.19 0.96
CA TRP C 107 25.86 -0.28 2.05
C TRP C 107 24.65 0.58 2.36
N ASN C 108 24.64 1.14 3.57
CA ASN C 108 23.53 1.97 4.03
C ASN C 108 23.47 3.28 3.26
N SER C 109 22.25 3.71 2.94
CA SER C 109 22.03 4.96 2.23
C SER C 109 20.85 5.72 2.85
N ASN C 110 20.79 5.75 4.18
CA ASN C 110 19.67 6.41 4.84
C ASN C 110 19.79 7.92 4.73
N LYS C 111 21.00 8.45 4.87
CA LYS C 111 21.20 9.90 4.88
C LYS C 111 20.98 10.55 3.53
N LEU C 112 20.83 9.76 2.47
CA LEU C 112 20.85 10.31 1.12
C LEU C 112 19.57 10.03 0.34
N ASP C 113 18.96 8.87 0.54
CA ASP C 113 17.78 8.46 -0.22
C ASP C 113 16.49 8.45 0.58
N SER C 114 16.52 8.98 1.80
CA SER C 114 15.34 9.01 2.66
C SER C 114 14.97 10.44 2.98
N LYS C 115 13.67 10.73 2.97
CA LYS C 115 13.15 12.06 3.25
C LYS C 115 12.12 11.98 4.37
N VAL C 116 12.05 13.07 5.15
CA VAL C 116 11.12 13.10 6.28
C VAL C 116 9.68 13.02 5.80
N SER C 117 9.35 13.76 4.74
CA SER C 117 8.00 13.71 4.19
C SER C 117 7.70 12.40 3.48
N GLY C 118 8.72 11.61 3.16
CA GLY C 118 8.51 10.35 2.47
C GLY C 118 8.95 10.40 1.02
N ASN C 119 9.75 9.42 0.59
CA ASN C 119 10.25 9.34 -0.77
C ASN C 119 9.48 8.25 -1.50
N TYR C 120 8.70 8.65 -2.50
CA TYR C 120 7.93 7.72 -3.32
C TYR C 120 8.50 7.61 -4.73
N ASN C 121 9.77 7.94 -4.92
CA ASN C 121 10.42 7.87 -6.22
C ASN C 121 11.00 6.50 -6.52
N TYR C 122 10.95 5.58 -5.56
CA TYR C 122 11.48 4.23 -5.72
C TYR C 122 10.34 3.24 -5.80
N LEU C 123 10.44 2.28 -6.72
CA LEU C 123 9.35 1.40 -7.07
C LEU C 123 9.80 -0.04 -7.07
N TYR C 124 8.85 -0.95 -6.89
CA TYR C 124 9.12 -2.38 -7.04
C TYR C 124 7.85 -3.07 -7.52
N ARG C 125 8.03 -4.21 -8.17
CA ARG C 125 6.94 -4.93 -8.82
C ARG C 125 6.40 -6.01 -7.90
N LEU C 126 5.07 -6.06 -7.77
CA LEU C 126 4.40 -6.97 -6.86
C LEU C 126 3.66 -8.11 -7.56
N PHE C 127 3.23 -7.91 -8.81
CA PHE C 127 2.40 -8.88 -9.51
C PHE C 127 3.06 -9.25 -10.83
N ARG C 128 3.22 -10.55 -11.05
CA ARG C 128 3.65 -11.07 -12.35
C ARG C 128 3.14 -12.49 -12.51
N LYS C 129 2.85 -12.87 -13.74
CA LYS C 129 2.30 -14.20 -14.00
C LYS C 129 3.30 -15.30 -13.69
N SER C 130 4.56 -15.11 -14.06
CA SER C 130 5.56 -16.15 -13.87
C SER C 130 6.89 -15.54 -13.46
N ASN C 131 7.72 -16.35 -12.82
CA ASN C 131 9.04 -15.91 -12.39
C ASN C 131 9.93 -15.65 -13.60
N LEU C 132 10.91 -14.77 -13.41
CA LEU C 132 11.71 -14.26 -14.52
C LEU C 132 13.04 -15.01 -14.61
N LYS C 133 13.53 -15.12 -15.84
CA LYS C 133 14.78 -15.80 -16.11
C LYS C 133 15.96 -14.98 -15.58
N PRO C 134 17.12 -15.60 -15.37
CA PRO C 134 18.27 -14.86 -14.86
C PRO C 134 18.65 -13.70 -15.77
N PHE C 135 18.97 -12.57 -15.16
CA PHE C 135 19.40 -11.36 -15.87
C PHE C 135 18.38 -10.95 -16.92
N GLU C 136 17.16 -10.67 -16.46
CA GLU C 136 16.08 -10.22 -17.33
C GLU C 136 15.44 -8.97 -16.73
N ARG C 137 15.05 -8.04 -17.60
CA ARG C 137 14.35 -6.83 -17.21
C ARG C 137 12.95 -6.83 -17.80
N ASP C 138 11.98 -6.40 -16.99
CA ASP C 138 10.58 -6.31 -17.41
C ASP C 138 10.08 -4.90 -17.09
N ILE C 139 10.31 -3.98 -18.01
CA ILE C 139 9.83 -2.60 -17.87
C ILE C 139 8.54 -2.49 -18.68
N SER C 140 7.43 -2.79 -18.02
CA SER C 140 6.12 -2.79 -18.68
C SER C 140 5.06 -2.54 -17.64
N THR C 141 4.32 -1.44 -17.77
CA THR C 141 3.21 -1.13 -16.91
C THR C 141 1.91 -1.50 -17.62
N GLU C 142 1.10 -2.32 -16.97
CA GLU C 142 -0.11 -2.85 -17.57
C GLU C 142 -0.95 -3.49 -16.49
N ILE C 143 -2.27 -3.45 -16.68
CA ILE C 143 -3.19 -4.02 -15.70
C ILE C 143 -3.06 -5.54 -15.72
N TYR C 144 -3.15 -6.15 -14.55
CA TYR C 144 -3.01 -7.60 -14.37
C TYR C 144 -4.36 -8.14 -13.90
N GLN C 145 -4.94 -9.06 -14.68
CA GLN C 145 -6.24 -9.63 -14.35
C GLN C 145 -6.03 -10.91 -13.55
N ALA C 146 -6.26 -10.82 -12.24
CA ALA C 146 -6.17 -12.00 -11.40
C ALA C 146 -7.39 -12.91 -11.57
N GLY C 147 -8.56 -12.31 -11.71
CA GLY C 147 -9.79 -13.07 -11.86
C GLY C 147 -10.05 -13.50 -13.29
N ASN C 148 -11.29 -13.36 -13.74
CA ASN C 148 -11.65 -13.73 -15.10
C ASN C 148 -12.38 -12.66 -15.88
N LYS C 149 -13.09 -11.75 -15.23
CA LYS C 149 -13.77 -10.67 -15.95
C LYS C 149 -12.74 -9.68 -16.45
N PRO C 150 -12.74 -9.33 -17.74
CA PRO C 150 -11.69 -8.45 -18.26
C PRO C 150 -12.01 -6.98 -18.04
N CYS C 151 -10.96 -6.17 -18.05
CA CYS C 151 -11.07 -4.74 -17.88
C CYS C 151 -10.28 -4.03 -18.98
N ASN C 152 -10.82 -2.90 -19.42
CA ASN C 152 -10.22 -2.14 -20.53
C ASN C 152 -9.19 -1.14 -20.02
N GLY C 153 -8.16 -1.66 -19.34
CA GLY C 153 -7.14 -0.78 -18.80
C GLY C 153 -7.63 0.14 -17.70
N VAL C 154 -8.45 -0.37 -16.79
CA VAL C 154 -8.97 0.40 -15.68
C VAL C 154 -8.71 -0.34 -14.37
N ALA C 155 -8.54 0.41 -13.30
CA ALA C 155 -8.32 -0.18 -11.99
C ALA C 155 -9.57 -0.87 -11.49
N GLY C 156 -9.38 -1.94 -10.73
CA GLY C 156 -10.52 -2.69 -10.25
C GLY C 156 -10.12 -3.62 -9.12
N PHE C 157 -11.03 -4.52 -8.78
CA PHE C 157 -10.77 -5.47 -7.71
C PHE C 157 -9.84 -6.59 -8.19
N ASN C 158 -10.28 -7.35 -9.19
CA ASN C 158 -9.42 -8.37 -9.79
C ASN C 158 -8.43 -7.80 -10.79
N CYS C 159 -8.57 -6.53 -11.16
CA CYS C 159 -7.66 -5.85 -12.06
C CYS C 159 -6.71 -4.99 -11.23
N TYR C 160 -5.42 -5.28 -11.32
CA TYR C 160 -4.44 -4.68 -10.42
C TYR C 160 -3.41 -3.86 -11.19
N PHE C 161 -2.75 -2.95 -10.46
CA PHE C 161 -1.60 -2.22 -10.95
C PHE C 161 -0.34 -2.87 -10.40
N PRO C 162 0.63 -3.24 -11.24
CA PRO C 162 1.70 -4.14 -10.77
C PRO C 162 2.83 -3.46 -10.02
N LEU C 163 2.82 -2.14 -9.87
CA LEU C 163 3.94 -1.41 -9.25
C LEU C 163 3.49 -0.79 -7.93
N ARG C 164 4.33 -0.94 -6.91
CA ARG C 164 4.11 -0.34 -5.60
C ARG C 164 5.31 0.54 -5.26
N SER C 165 5.22 1.22 -4.12
CA SER C 165 6.24 2.16 -3.69
C SER C 165 6.76 1.77 -2.32
N TYR C 166 7.96 2.27 -1.99
CA TYR C 166 8.64 1.84 -0.78
C TYR C 166 8.30 2.72 0.41
N SER C 167 8.13 4.03 0.18
CA SER C 167 7.80 5.00 1.22
C SER C 167 8.87 5.02 2.32
N PHE C 168 10.07 5.44 1.91
CA PHE C 168 11.18 5.56 2.84
C PHE C 168 11.03 6.80 3.71
N ARG C 169 11.24 6.63 5.01
CA ARG C 169 11.27 7.72 5.97
C ARG C 169 12.39 7.46 6.97
N PRO C 170 12.96 8.52 7.56
CA PRO C 170 14.02 8.31 8.56
C PRO C 170 13.53 7.78 9.89
N THR C 171 12.22 7.60 10.06
CA THR C 171 11.66 7.20 11.35
C THR C 171 11.59 5.70 11.56
N TYR C 172 11.77 4.89 10.51
CA TYR C 172 11.72 3.45 10.70
C TYR C 172 13.03 2.94 11.28
N GLY C 173 13.12 1.62 11.45
CA GLY C 173 14.30 0.96 11.94
C GLY C 173 15.24 0.56 10.83
N VAL C 174 16.26 -0.21 11.22
CA VAL C 174 17.29 -0.62 10.26
C VAL C 174 16.74 -1.54 9.18
N GLY C 175 15.68 -2.30 9.48
CA GLY C 175 15.15 -3.23 8.51
C GLY C 175 14.37 -2.60 7.38
N HIS C 176 13.86 -1.38 7.59
CA HIS C 176 13.07 -0.68 6.58
C HIS C 176 13.88 0.40 5.88
N GLN C 177 15.13 0.61 6.28
CA GLN C 177 15.96 1.67 5.73
C GLN C 177 16.42 1.32 4.32
N PRO C 178 16.62 2.33 3.47
CA PRO C 178 17.06 2.06 2.10
C PRO C 178 18.54 1.72 2.03
N TYR C 179 18.85 0.70 1.23
CA TYR C 179 20.23 0.27 0.99
C TYR C 179 20.53 0.36 -0.50
N ARG C 180 21.79 0.66 -0.82
CA ARG C 180 22.26 0.72 -2.19
C ARG C 180 23.10 -0.53 -2.48
N VAL C 181 22.80 -1.19 -3.59
CA VAL C 181 23.43 -2.47 -3.94
C VAL C 181 24.13 -2.31 -5.28
N VAL C 182 25.38 -2.76 -5.34
CA VAL C 182 26.14 -2.83 -6.59
C VAL C 182 26.63 -4.26 -6.74
N VAL C 183 26.31 -4.88 -7.88
CA VAL C 183 26.59 -6.29 -8.14
C VAL C 183 27.51 -6.37 -9.34
N LEU C 184 28.64 -7.06 -9.19
CA LEU C 184 29.65 -7.19 -10.22
C LEU C 184 29.67 -8.62 -10.74
N SER C 185 29.69 -8.76 -12.06
CA SER C 185 29.72 -10.05 -12.72
C SER C 185 30.96 -10.15 -13.60
N PHE C 186 31.62 -11.31 -13.58
CA PHE C 186 32.83 -11.55 -14.35
C PHE C 186 32.60 -12.69 -15.32
N GLU C 187 33.20 -12.59 -16.50
CA GLU C 187 33.14 -13.63 -17.50
C GLU C 187 34.55 -14.11 -17.83
N LEU C 188 34.75 -15.43 -17.82
CA LEU C 188 36.06 -16.02 -18.07
C LEU C 188 35.91 -17.17 -19.06
N LEU C 189 36.65 -17.09 -20.18
CA LEU C 189 36.72 -18.20 -21.12
C LEU C 189 37.82 -17.93 -22.13
N HIS C 190 37.48 -17.27 -23.24
CA HIS C 190 38.44 -16.92 -24.28
C HIS C 190 39.54 -16.01 -23.74
N ALA C 191 39.14 -14.99 -22.99
CA ALA C 191 40.01 -14.00 -22.39
C ALA C 191 40.93 -13.31 -23.39
N PRO C 192 40.40 -12.62 -24.42
CA PRO C 192 41.16 -11.49 -24.98
C PRO C 192 41.12 -10.35 -23.99
N ALA C 193 41.90 -10.48 -22.92
CA ALA C 193 41.72 -9.75 -21.66
C ALA C 193 41.46 -8.27 -21.87
N THR C 194 40.28 -7.83 -21.43
CA THR C 194 39.98 -6.40 -21.41
C THR C 194 40.26 -5.82 -20.03
N VAL C 195 39.73 -6.46 -18.99
CA VAL C 195 40.09 -6.10 -17.62
C VAL C 195 41.29 -6.94 -17.21
N CYS C 196 42.41 -6.29 -16.92
CA CYS C 196 43.68 -6.98 -16.77
C CYS C 196 44.11 -7.13 -15.32
N GLY C 197 43.96 -6.08 -14.52
CA GLY C 197 44.48 -6.08 -13.17
C GLY C 197 45.89 -5.53 -13.14
N PRO C 198 46.29 -4.94 -12.02
CA PRO C 198 47.59 -4.25 -11.97
C PRO C 198 48.73 -5.25 -11.83
N LYS C 199 49.48 -5.43 -12.92
CA LYS C 199 50.64 -6.30 -12.90
C LYS C 199 51.55 -5.92 -14.04
N LYS C 200 52.84 -5.86 -13.77
CA LYS C 200 53.83 -5.45 -14.75
C LYS C 200 54.50 -6.66 -15.36
N GLN D 1 -25.54 -30.48 -5.73
CA GLN D 1 -26.83 -29.92 -5.35
C GLN D 1 -27.11 -30.14 -3.86
N VAL D 2 -28.19 -29.54 -3.38
CA VAL D 2 -28.60 -29.64 -1.98
C VAL D 2 -29.92 -30.41 -1.94
N GLN D 3 -29.94 -31.49 -1.16
CA GLN D 3 -31.13 -32.30 -0.99
C GLN D 3 -31.27 -32.68 0.48
N LEU D 4 -32.50 -32.59 0.98
CA LEU D 4 -32.83 -32.96 2.34
C LEU D 4 -33.76 -34.16 2.32
N VAL D 5 -33.44 -35.18 3.10
CA VAL D 5 -34.25 -36.39 3.19
C VAL D 5 -34.55 -36.66 4.66
N GLN D 6 -35.80 -37.06 4.93
CA GLN D 6 -36.28 -37.31 6.28
C GLN D 6 -36.69 -38.78 6.39
N SER D 7 -37.30 -39.11 7.53
CA SER D 7 -37.80 -40.45 7.78
C SER D 7 -39.25 -40.57 7.30
N GLY D 8 -39.92 -41.65 7.70
CA GLY D 8 -41.29 -41.89 7.30
C GLY D 8 -42.30 -41.34 8.28
N ALA D 9 -43.57 -41.63 8.01
CA ALA D 9 -44.66 -41.16 8.84
C ALA D 9 -44.77 -41.99 10.11
N GLU D 10 -45.50 -41.45 11.09
CA GLU D 10 -45.71 -42.12 12.37
C GLU D 10 -47.17 -42.04 12.76
N VAL D 11 -47.62 -43.04 13.52
CA VAL D 11 -49.01 -43.12 13.98
C VAL D 11 -48.98 -43.21 15.51
N LYS D 12 -48.01 -42.52 16.12
CA LYS D 12 -47.83 -42.59 17.57
C LYS D 12 -49.11 -42.21 18.31
N LYS D 13 -49.22 -42.72 19.54
CA LYS D 13 -50.39 -42.55 20.37
C LYS D 13 -50.05 -41.71 21.60
N PRO D 14 -51.06 -41.14 22.27
CA PRO D 14 -50.77 -40.19 23.36
C PRO D 14 -49.93 -40.80 24.47
N GLY D 15 -49.09 -39.96 25.06
CA GLY D 15 -48.17 -40.36 26.11
C GLY D 15 -46.83 -40.88 25.61
N ALA D 16 -46.65 -40.98 24.30
CA ALA D 16 -45.44 -41.55 23.72
C ALA D 16 -44.45 -40.44 23.34
N SER D 17 -43.42 -40.83 22.60
CA SER D 17 -42.45 -39.90 22.04
C SER D 17 -42.16 -40.31 20.60
N VAL D 18 -41.61 -39.38 19.82
CA VAL D 18 -41.31 -39.62 18.43
C VAL D 18 -39.98 -38.95 18.08
N LYS D 19 -39.23 -39.57 17.17
CA LYS D 19 -37.96 -39.05 16.71
C LYS D 19 -38.05 -38.77 15.21
N VAL D 20 -37.51 -37.63 14.80
CA VAL D 20 -37.50 -37.22 13.40
C VAL D 20 -36.05 -37.08 12.96
N SER D 21 -35.72 -37.69 11.82
CA SER D 21 -34.37 -37.65 11.29
C SER D 21 -34.30 -36.75 10.06
N CYS D 22 -33.12 -36.15 9.84
CA CYS D 22 -32.92 -35.23 8.73
C CYS D 22 -31.49 -35.42 8.23
N LYS D 23 -31.35 -35.90 7.00
CA LYS D 23 -30.05 -36.17 6.40
C LYS D 23 -29.84 -35.25 5.21
N ALA D 24 -28.67 -34.63 5.13
CA ALA D 24 -28.36 -33.67 4.10
C ALA D 24 -27.00 -33.98 3.48
N SER D 25 -26.83 -33.56 2.24
CA SER D 25 -25.56 -33.73 1.55
C SER D 25 -25.46 -32.70 0.43
N GLY D 26 -24.30 -32.05 0.34
CA GLY D 26 -24.07 -31.09 -0.72
C GLY D 26 -23.51 -29.76 -0.25
N TYR D 27 -23.13 -29.68 1.02
CA TYR D 27 -22.62 -28.44 1.58
C TYR D 27 -21.81 -28.77 2.83
N PRO D 28 -20.90 -27.88 3.23
CA PRO D 28 -20.15 -28.11 4.48
C PRO D 28 -21.08 -28.07 5.68
N PHE D 29 -21.10 -29.17 6.43
CA PHE D 29 -22.10 -29.33 7.49
C PHE D 29 -21.83 -28.40 8.66
N THR D 30 -20.56 -28.10 8.95
CA THR D 30 -20.21 -27.26 10.08
C THR D 30 -20.33 -25.78 9.78
N SER D 31 -21.03 -25.41 8.71
CA SER D 31 -21.19 -24.01 8.33
C SER D 31 -22.57 -23.44 8.58
N TYR D 32 -23.61 -24.26 8.47
CA TYR D 32 -24.99 -23.79 8.58
C TYR D 32 -25.70 -24.53 9.70
N GLY D 33 -26.86 -24.01 10.08
CA GLY D 33 -27.68 -24.61 11.11
C GLY D 33 -28.87 -25.37 10.56
N ILE D 34 -29.68 -25.88 11.47
CA ILE D 34 -30.89 -26.64 11.15
C ILE D 34 -32.04 -26.10 12.01
N SER D 35 -33.19 -25.88 11.38
CA SER D 35 -34.36 -25.37 12.07
C SER D 35 -35.58 -26.21 11.72
N TRP D 36 -36.52 -26.29 12.66
CA TRP D 36 -37.69 -27.14 12.54
C TRP D 36 -38.96 -26.29 12.57
N VAL D 37 -39.86 -26.55 11.64
CA VAL D 37 -41.14 -25.85 11.55
C VAL D 37 -42.23 -26.87 11.29
N ARG D 38 -43.35 -26.76 12.00
CA ARG D 38 -44.45 -27.69 11.84
C ARG D 38 -45.71 -26.96 11.38
N GLN D 39 -46.60 -27.70 10.73
CA GLN D 39 -47.80 -27.12 10.12
C GLN D 39 -48.95 -28.11 10.24
N ALA D 40 -50.03 -27.68 10.87
CA ALA D 40 -51.24 -28.49 10.94
C ALA D 40 -51.98 -28.44 9.60
N PRO D 41 -52.75 -29.50 9.28
CA PRO D 41 -53.47 -29.51 8.00
C PRO D 41 -54.53 -28.42 7.90
N GLY D 42 -54.31 -27.45 7.01
CA GLY D 42 -55.23 -26.36 6.79
C GLY D 42 -54.84 -25.06 7.46
N GLN D 43 -53.92 -25.09 8.42
CA GLN D 43 -53.48 -23.90 9.13
C GLN D 43 -52.14 -23.43 8.56
N GLY D 44 -51.55 -22.43 9.21
CA GLY D 44 -50.27 -21.89 8.80
C GLY D 44 -49.10 -22.64 9.41
N LEU D 45 -47.91 -22.06 9.22
CA LEU D 45 -46.68 -22.65 9.70
C LEU D 45 -46.49 -22.31 11.18
N GLU D 46 -45.54 -23.01 11.81
CA GLU D 46 -45.26 -22.80 13.22
C GLU D 46 -43.83 -23.21 13.53
N TRP D 47 -43.11 -22.34 14.25
CA TRP D 47 -41.68 -22.52 14.48
C TRP D 47 -41.43 -23.37 15.73
N MET D 48 -40.31 -24.09 15.71
CA MET D 48 -39.87 -24.82 16.90
C MET D 48 -38.54 -24.31 17.45
N GLY D 49 -37.47 -24.31 16.68
CA GLY D 49 -36.20 -23.91 17.25
C GLY D 49 -35.06 -24.09 16.30
N TRP D 50 -33.85 -23.85 16.83
CA TRP D 50 -32.63 -23.81 16.06
C TRP D 50 -31.57 -24.65 16.76
N ILE D 51 -30.71 -25.28 15.96
CA ILE D 51 -29.58 -26.06 16.48
C ILE D 51 -28.35 -25.74 15.65
N SER D 52 -27.21 -25.62 16.32
CA SER D 52 -25.94 -25.35 15.65
C SER D 52 -25.17 -26.65 15.48
N THR D 53 -24.68 -26.88 14.27
CA THR D 53 -23.95 -28.10 13.95
C THR D 53 -22.47 -28.00 14.25
N TYR D 54 -22.03 -26.89 14.85
CA TYR D 54 -20.62 -26.67 15.16
C TYR D 54 -20.28 -26.99 16.61
N ASN D 55 -21.04 -26.45 17.56
CA ASN D 55 -20.73 -26.64 18.96
C ASN D 55 -21.94 -27.10 19.78
N GLY D 56 -23.07 -27.37 19.14
CA GLY D 56 -24.23 -27.86 19.85
C GLY D 56 -25.05 -26.82 20.57
N ASN D 57 -24.67 -25.54 20.49
CA ASN D 57 -25.49 -24.49 21.09
C ASN D 57 -26.86 -24.46 20.43
N THR D 58 -27.91 -24.39 21.24
CA THR D 58 -29.26 -24.51 20.75
C THR D 58 -30.15 -23.43 21.32
N ASN D 59 -31.23 -23.13 20.59
CA ASN D 59 -32.23 -22.15 20.99
C ASN D 59 -33.60 -22.72 20.66
N TYR D 60 -34.56 -22.51 21.55
CA TYR D 60 -35.87 -23.14 21.43
C TYR D 60 -36.96 -22.10 21.57
N ALA D 61 -38.17 -22.48 21.14
CA ALA D 61 -39.32 -21.61 21.20
C ALA D 61 -39.86 -21.54 22.63
N GLN D 62 -40.96 -20.80 22.80
CA GLN D 62 -41.54 -20.66 24.13
C GLN D 62 -42.59 -21.73 24.40
N LYS D 63 -43.45 -22.03 23.42
CA LYS D 63 -44.48 -23.04 23.63
C LYS D 63 -43.91 -24.44 23.68
N PHE D 64 -42.68 -24.64 23.21
CA PHE D 64 -41.97 -25.90 23.27
C PHE D 64 -40.73 -25.77 24.14
N GLN D 65 -40.84 -25.02 25.23
CA GLN D 65 -39.66 -24.63 26.01
C GLN D 65 -38.97 -25.85 26.60
N GLY D 66 -39.74 -26.81 27.12
CA GLY D 66 -39.14 -27.97 27.75
C GLY D 66 -39.52 -29.28 27.10
N ARG D 67 -40.42 -29.22 26.11
CA ARG D 67 -40.93 -30.42 25.47
C ARG D 67 -40.05 -30.92 24.34
N VAL D 68 -38.99 -30.19 23.98
CA VAL D 68 -38.19 -30.53 22.82
C VAL D 68 -36.71 -30.50 23.18
N THR D 69 -35.93 -31.33 22.49
CA THR D 69 -34.48 -31.29 22.53
C THR D 69 -33.96 -31.84 21.21
N MET D 70 -32.79 -31.34 20.80
CA MET D 70 -32.24 -31.67 19.49
C MET D 70 -30.76 -32.02 19.61
N THR D 71 -30.30 -32.88 18.70
CA THR D 71 -28.92 -33.33 18.67
C THR D 71 -28.44 -33.43 17.24
N THR D 72 -27.12 -33.40 17.07
CA THR D 72 -26.48 -33.55 15.77
C THR D 72 -25.31 -34.51 15.87
N ASP D 73 -25.02 -35.18 14.76
CA ASP D 73 -23.88 -36.09 14.64
C ASP D 73 -23.10 -35.70 13.39
N THR D 74 -21.88 -35.21 13.60
CA THR D 74 -21.13 -34.62 12.48
C THR D 74 -20.77 -35.67 11.43
N SER D 75 -20.37 -36.87 11.85
CA SER D 75 -19.91 -37.87 10.90
C SER D 75 -21.01 -38.29 9.93
N THR D 76 -22.22 -38.50 10.44
CA THR D 76 -23.32 -38.99 9.61
C THR D 76 -24.10 -37.87 8.93
N THR D 77 -23.84 -36.61 9.26
CA THR D 77 -24.55 -35.46 8.72
C THR D 77 -26.07 -35.62 8.91
N THR D 78 -26.47 -35.67 10.17
CA THR D 78 -27.88 -35.88 10.51
C THR D 78 -28.19 -35.16 11.80
N GLY D 79 -29.40 -34.64 11.90
CA GLY D 79 -29.88 -34.03 13.13
C GLY D 79 -31.21 -34.64 13.54
N TYR D 80 -31.42 -34.70 14.86
CA TYR D 80 -32.58 -35.36 15.43
C TYR D 80 -33.35 -34.39 16.31
N MET D 81 -34.67 -34.46 16.26
CA MET D 81 -35.55 -33.68 17.11
C MET D 81 -36.37 -34.62 17.96
N GLU D 82 -36.36 -34.41 19.27
CA GLU D 82 -37.13 -35.20 20.22
C GLU D 82 -38.29 -34.37 20.72
N LEU D 83 -39.51 -34.88 20.55
CA LEU D 83 -40.70 -34.25 21.08
C LEU D 83 -41.42 -35.26 21.95
N ARG D 84 -41.65 -34.90 23.21
CA ARG D 84 -42.21 -35.81 24.20
C ARG D 84 -43.57 -35.30 24.67
N ARG D 85 -44.24 -36.13 25.46
CA ARG D 85 -45.57 -35.82 25.99
C ARG D 85 -46.55 -35.52 24.86
N LEU D 86 -46.57 -36.41 23.87
CA LEU D 86 -47.35 -36.16 22.66
C LEU D 86 -48.84 -36.09 22.98
N ARG D 87 -49.55 -35.32 22.16
CA ARG D 87 -50.98 -35.06 22.36
C ARG D 87 -51.68 -35.07 21.01
N SER D 88 -53.00 -35.18 21.05
CA SER D 88 -53.80 -35.15 19.84
C SER D 88 -53.77 -33.81 19.14
N ASP D 89 -53.28 -32.76 19.81
CA ASP D 89 -53.19 -31.43 19.22
C ASP D 89 -51.93 -31.25 18.38
N ASP D 90 -51.05 -32.25 18.32
CA ASP D 90 -49.81 -32.16 17.57
C ASP D 90 -49.87 -32.92 16.25
N THR D 91 -51.06 -33.11 15.70
CA THR D 91 -51.22 -33.80 14.42
C THR D 91 -50.82 -32.84 13.31
N ALA D 92 -49.58 -32.93 12.85
CA ALA D 92 -49.06 -31.98 11.88
C ALA D 92 -47.94 -32.62 11.09
N VAL D 93 -47.45 -31.89 10.10
CA VAL D 93 -46.31 -32.29 9.28
C VAL D 93 -45.09 -31.52 9.76
N TYR D 94 -44.02 -32.24 10.07
CA TYR D 94 -42.83 -31.65 10.68
C TYR D 94 -41.73 -31.54 9.63
N TYR D 95 -41.12 -30.36 9.54
CA TYR D 95 -40.23 -30.02 8.43
C TYR D 95 -38.83 -29.72 8.94
N CYS D 96 -37.84 -30.12 8.16
CA CYS D 96 -36.43 -29.84 8.42
C CYS D 96 -35.93 -28.88 7.36
N ALA D 97 -35.27 -27.80 7.79
CA ALA D 97 -34.83 -26.77 6.86
C ALA D 97 -33.44 -26.29 7.22
N ARG D 98 -32.64 -26.01 6.20
CA ARG D 98 -31.34 -25.39 6.40
C ARG D 98 -31.52 -23.92 6.74
N ASP D 99 -30.90 -23.50 7.83
CA ASP D 99 -31.14 -22.19 8.41
C ASP D 99 -29.99 -21.25 8.09
N TYR D 100 -30.33 -20.05 7.65
CA TYR D 100 -29.33 -19.02 7.40
C TYR D 100 -29.78 -17.74 8.10
N THR D 101 -30.42 -17.91 9.26
CA THR D 101 -30.94 -16.80 10.05
C THR D 101 -30.16 -16.55 11.33
N ARG D 102 -29.31 -17.47 11.75
CA ARG D 102 -28.43 -17.24 12.89
C ARG D 102 -27.15 -18.01 12.66
N GLY D 103 -26.03 -17.41 13.07
CA GLY D 103 -24.74 -17.98 12.74
C GLY D 103 -24.41 -19.22 13.55
N ALA D 104 -23.70 -20.14 12.91
CA ALA D 104 -23.36 -21.41 13.55
C ALA D 104 -22.24 -21.28 14.56
N TRP D 105 -21.30 -20.37 14.34
CA TRP D 105 -20.12 -20.26 15.19
C TRP D 105 -20.25 -19.20 16.27
N PHE D 106 -20.89 -18.06 15.96
CA PHE D 106 -20.91 -16.93 16.87
C PHE D 106 -22.29 -16.62 17.44
N GLY D 107 -23.36 -17.16 16.88
CA GLY D 107 -24.68 -16.97 17.45
C GLY D 107 -25.33 -15.64 17.14
N GLU D 108 -24.83 -14.89 16.17
CA GLU D 108 -25.44 -13.63 15.76
C GLU D 108 -26.38 -13.86 14.58
N SER D 109 -27.29 -12.91 14.39
CA SER D 109 -28.28 -13.02 13.33
C SER D 109 -27.66 -12.72 11.98
N LEU D 110 -28.32 -13.19 10.93
CA LEU D 110 -27.89 -12.98 9.55
C LEU D 110 -29.05 -12.50 8.70
N ILE D 111 -28.72 -12.02 7.52
CA ILE D 111 -29.71 -11.58 6.54
C ILE D 111 -30.04 -12.75 5.62
N GLY D 112 -31.28 -13.20 5.65
CA GLY D 112 -31.69 -14.33 4.85
C GLY D 112 -32.85 -15.04 5.51
N GLY D 113 -33.02 -16.31 5.13
CA GLY D 113 -34.10 -17.10 5.67
C GLY D 113 -33.90 -18.57 5.36
N PHE D 114 -34.96 -19.34 5.63
CA PHE D 114 -34.94 -20.76 5.34
C PHE D 114 -34.80 -20.99 3.85
N ASP D 115 -33.68 -21.58 3.44
CA ASP D 115 -33.35 -21.67 2.02
C ASP D 115 -33.50 -23.05 1.40
N ASN D 116 -33.60 -24.10 2.21
CA ASN D 116 -33.78 -25.44 1.69
C ASN D 116 -34.67 -26.23 2.64
N TRP D 117 -35.63 -26.95 2.09
CA TRP D 117 -36.63 -27.66 2.88
C TRP D 117 -36.72 -29.11 2.44
N GLY D 118 -37.05 -29.99 3.39
CA GLY D 118 -37.18 -31.40 3.12
C GLY D 118 -38.56 -31.80 2.65
N GLN D 119 -38.74 -33.10 2.40
CA GLN D 119 -40.01 -33.60 1.90
C GLN D 119 -41.12 -33.40 2.92
N GLY D 120 -40.85 -33.68 4.19
CA GLY D 120 -41.84 -33.54 5.23
C GLY D 120 -42.29 -34.86 5.83
N THR D 121 -42.35 -34.91 7.15
CA THR D 121 -42.75 -36.10 7.88
C THR D 121 -44.12 -35.87 8.53
N LEU D 122 -45.06 -36.75 8.24
CA LEU D 122 -46.42 -36.64 8.78
C LEU D 122 -46.54 -37.48 10.03
N VAL D 123 -47.07 -36.89 11.09
CA VAL D 123 -47.26 -37.59 12.36
C VAL D 123 -48.69 -37.35 12.83
N THR D 124 -49.39 -38.42 13.15
CA THR D 124 -50.75 -38.36 13.67
C THR D 124 -50.78 -38.98 15.06
N VAL D 125 -51.39 -38.26 16.00
CA VAL D 125 -51.48 -38.70 17.39
C VAL D 125 -52.94 -38.90 17.74
N SER D 126 -53.28 -40.10 18.20
CA SER D 126 -54.66 -40.43 18.54
C SER D 126 -54.72 -41.63 19.47
N GLU E 1 -44.25 -10.86 21.82
CA GLU E 1 -43.43 -10.81 20.62
C GLU E 1 -44.13 -10.06 19.51
N ILE E 2 -43.43 -9.84 18.40
CA ILE E 2 -44.01 -9.14 17.27
C ILE E 2 -45.05 -10.05 16.62
N VAL E 3 -46.31 -9.62 16.67
CA VAL E 3 -47.42 -10.36 16.07
C VAL E 3 -47.66 -9.82 14.67
N LEU E 4 -47.67 -10.70 13.68
CA LEU E 4 -47.76 -10.32 12.28
C LEU E 4 -49.18 -10.57 11.78
N THR E 5 -49.52 -9.91 10.67
CA THR E 5 -50.88 -10.00 10.13
C THR E 5 -50.84 -9.78 8.63
N GLN E 6 -51.63 -10.55 7.90
CA GLN E 6 -51.80 -10.39 6.47
C GLN E 6 -53.28 -10.23 6.14
N SER E 7 -53.55 -9.51 5.04
CA SER E 7 -54.91 -9.31 4.58
C SER E 7 -54.87 -8.88 3.13
N PRO E 8 -55.83 -9.31 2.28
CA PRO E 8 -56.95 -10.18 2.65
C PRO E 8 -56.57 -11.65 2.74
N GLY E 9 -57.44 -12.45 3.37
CA GLY E 9 -57.17 -13.87 3.47
C GLY E 9 -57.18 -14.57 2.12
N THR E 10 -58.17 -14.27 1.29
CA THR E 10 -58.34 -14.91 0.00
C THR E 10 -58.53 -13.86 -1.08
N LEU E 11 -57.86 -14.07 -2.22
CA LEU E 11 -57.97 -13.19 -3.37
C LEU E 11 -58.41 -14.00 -4.58
N SER E 12 -59.32 -13.43 -5.37
CA SER E 12 -59.84 -14.07 -6.58
C SER E 12 -59.58 -13.12 -7.75
N LEU E 13 -58.49 -13.32 -8.46
CA LEU E 13 -58.10 -12.50 -9.58
C LEU E 13 -57.90 -13.36 -10.83
N SER E 14 -57.79 -12.69 -11.98
CA SER E 14 -57.67 -13.22 -13.32
C SER E 14 -56.27 -13.78 -13.56
N PRO E 15 -56.18 -14.87 -14.32
CA PRO E 15 -54.87 -15.44 -14.65
C PRO E 15 -54.13 -14.62 -15.71
N GLY E 16 -53.42 -13.59 -15.27
CA GLY E 16 -52.68 -12.74 -16.18
C GLY E 16 -52.64 -11.30 -15.74
N GLU E 17 -53.45 -10.96 -14.74
CA GLU E 17 -53.49 -9.60 -14.22
C GLU E 17 -52.31 -9.35 -13.28
N ARG E 18 -52.29 -8.16 -12.69
CA ARG E 18 -51.24 -7.76 -11.75
C ARG E 18 -51.83 -7.77 -10.34
N ALA E 19 -51.19 -8.50 -9.44
CA ALA E 19 -51.68 -8.69 -8.09
C ALA E 19 -50.68 -8.15 -7.08
N THR E 20 -51.12 -8.07 -5.83
CA THR E 20 -50.33 -7.52 -4.75
C THR E 20 -50.75 -8.14 -3.43
N LEU E 21 -49.77 -8.54 -2.63
CA LEU E 21 -50.00 -9.12 -1.31
C LEU E 21 -49.47 -8.19 -0.24
N SER E 22 -50.20 -8.10 0.87
CA SER E 22 -49.88 -7.16 1.94
C SER E 22 -49.63 -7.90 3.24
N CYS E 23 -48.67 -7.39 4.02
CA CYS E 23 -48.31 -7.95 5.32
C CYS E 23 -48.17 -6.79 6.31
N ARG E 24 -48.77 -6.95 7.48
CA ARG E 24 -48.82 -5.89 8.48
C ARG E 24 -48.16 -6.37 9.77
N ALA E 25 -47.37 -5.49 10.38
CA ALA E 25 -46.62 -5.80 11.59
C ALA E 25 -47.10 -4.92 12.74
N SER E 26 -46.96 -5.45 13.96
CA SER E 26 -47.37 -4.70 15.15
C SER E 26 -46.28 -3.71 15.56
N GLN E 27 -45.11 -4.22 15.93
CA GLN E 27 -43.99 -3.38 16.29
C GLN E 27 -43.12 -3.13 15.05
N THR E 28 -42.13 -2.26 15.20
CA THR E 28 -41.19 -2.04 14.12
C THR E 28 -40.30 -3.26 13.93
N VAL E 29 -40.01 -3.58 12.67
CA VAL E 29 -39.20 -4.72 12.31
C VAL E 29 -38.10 -4.24 11.38
N SER E 30 -36.86 -4.63 11.67
CA SER E 30 -35.74 -4.27 10.80
C SER E 30 -35.95 -4.87 9.42
N SER E 31 -35.71 -4.07 8.38
CA SER E 31 -35.92 -4.52 7.02
C SER E 31 -34.93 -5.59 6.60
N THR E 32 -33.83 -5.75 7.33
CA THR E 32 -32.87 -6.80 7.04
C THR E 32 -33.34 -8.17 7.52
N SER E 33 -34.46 -8.22 8.23
CA SER E 33 -34.94 -9.45 8.88
C SER E 33 -36.38 -9.72 8.53
N LEU E 34 -36.71 -9.66 7.25
CA LEU E 34 -38.05 -10.02 6.79
C LEU E 34 -37.93 -10.72 5.44
N ALA E 35 -38.74 -11.76 5.26
CA ALA E 35 -38.67 -12.60 4.07
C ALA E 35 -40.08 -13.05 3.69
N TRP E 36 -40.18 -13.75 2.56
CA TRP E 36 -41.45 -14.23 2.04
C TRP E 36 -41.28 -15.65 1.52
N TYR E 37 -42.38 -16.38 1.47
CA TYR E 37 -42.36 -17.78 1.05
C TYR E 37 -43.56 -18.11 0.19
N GLN E 38 -43.46 -19.20 -0.56
CA GLN E 38 -44.52 -19.69 -1.42
C GLN E 38 -44.71 -21.19 -1.18
N GLN E 39 -45.97 -21.62 -1.05
CA GLN E 39 -46.30 -23.01 -0.76
C GLN E 39 -47.26 -23.52 -1.83
N LYS E 40 -46.71 -24.11 -2.89
CA LYS E 40 -47.54 -24.76 -3.88
C LYS E 40 -48.22 -25.98 -3.26
N PRO E 41 -49.46 -26.28 -3.64
CA PRO E 41 -50.17 -27.39 -3.01
C PRO E 41 -49.45 -28.72 -3.22
N GLY E 42 -49.43 -29.53 -2.17
CA GLY E 42 -48.79 -30.83 -2.23
C GLY E 42 -47.28 -30.82 -2.14
N GLN E 43 -46.68 -29.71 -1.73
CA GLN E 43 -45.23 -29.61 -1.65
C GLN E 43 -44.80 -28.99 -0.32
N ALA E 44 -43.54 -28.62 -0.22
CA ALA E 44 -42.99 -27.88 0.89
C ALA E 44 -42.71 -26.45 0.47
N PRO E 45 -42.79 -25.49 1.40
CA PRO E 45 -42.56 -24.10 1.02
C PRO E 45 -41.12 -23.85 0.60
N ARG E 46 -40.93 -22.75 -0.13
CA ARG E 46 -39.62 -22.35 -0.61
C ARG E 46 -39.48 -20.84 -0.46
N LEU E 47 -38.23 -20.38 -0.48
CA LEU E 47 -37.91 -18.99 -0.26
C LEU E 47 -38.06 -18.19 -1.55
N LEU E 48 -38.66 -17.01 -1.45
CA LEU E 48 -38.89 -16.14 -2.59
C LEU E 48 -38.08 -14.85 -2.50
N ILE E 49 -38.24 -14.08 -1.43
CA ILE E 49 -37.55 -12.81 -1.25
C ILE E 49 -37.01 -12.77 0.17
N TYR E 50 -35.76 -12.37 0.33
CA TYR E 50 -35.13 -12.23 1.64
C TYR E 50 -34.58 -10.82 1.80
N GLY E 51 -34.65 -10.31 3.03
CA GLY E 51 -34.28 -8.93 3.28
C GLY E 51 -35.29 -7.93 2.78
N ALA E 52 -36.46 -8.39 2.35
CA ALA E 52 -37.57 -7.57 1.87
C ALA E 52 -37.28 -6.95 0.51
N SER E 53 -36.05 -7.07 0.03
CA SER E 53 -35.74 -6.53 -1.29
C SER E 53 -35.01 -7.52 -2.18
N SER E 54 -34.10 -8.31 -1.65
CA SER E 54 -33.28 -9.20 -2.48
C SER E 54 -34.09 -10.39 -2.94
N ARG E 55 -33.82 -10.86 -4.15
CA ARG E 55 -34.51 -11.99 -4.73
C ARG E 55 -33.68 -13.25 -4.54
N ALA E 56 -34.35 -14.33 -4.15
CA ALA E 56 -33.65 -15.58 -3.87
C ALA E 56 -33.15 -16.22 -5.16
N THR E 57 -32.23 -17.15 -5.01
CA THR E 57 -31.68 -17.87 -6.15
C THR E 57 -32.77 -18.69 -6.84
N GLY E 58 -32.82 -18.60 -8.17
CA GLY E 58 -33.81 -19.34 -8.91
C GLY E 58 -35.22 -18.78 -8.83
N ILE E 59 -35.36 -17.47 -8.70
CA ILE E 59 -36.66 -16.81 -8.64
C ILE E 59 -36.77 -15.88 -9.85
N PRO E 60 -37.87 -15.93 -10.60
CA PRO E 60 -37.98 -15.10 -11.81
C PRO E 60 -37.99 -13.62 -11.49
N ASP E 61 -37.61 -12.82 -12.49
CA ASP E 61 -37.55 -11.38 -12.33
C ASP E 61 -38.94 -10.75 -12.14
N ARG E 62 -40.00 -11.47 -12.49
CA ARG E 62 -41.35 -10.97 -12.30
C ARG E 62 -41.69 -10.76 -10.82
N PHE E 63 -40.92 -11.36 -9.91
CA PHE E 63 -41.13 -11.20 -8.48
C PHE E 63 -40.29 -10.05 -7.95
N SER E 64 -40.87 -9.27 -7.05
CA SER E 64 -40.16 -8.17 -6.40
C SER E 64 -40.95 -7.74 -5.17
N GLY E 65 -40.30 -6.99 -4.30
CA GLY E 65 -40.93 -6.54 -3.07
C GLY E 65 -40.27 -5.29 -2.53
N SER E 66 -41.03 -4.56 -1.72
CA SER E 66 -40.54 -3.35 -1.11
C SER E 66 -41.39 -3.02 0.11
N GLY E 67 -40.84 -2.19 0.97
CA GLY E 67 -41.49 -1.76 2.19
C GLY E 67 -40.49 -1.68 3.32
N SER E 68 -40.84 -0.90 4.35
CA SER E 68 -39.95 -0.74 5.48
C SER E 68 -40.75 -0.27 6.69
N GLY E 69 -40.14 -0.47 7.87
CA GLY E 69 -40.67 0.04 9.12
C GLY E 69 -41.77 -0.81 9.74
N THR E 70 -42.99 -0.69 9.23
CA THR E 70 -44.11 -1.44 9.79
C THR E 70 -44.90 -2.18 8.73
N ASP E 71 -45.10 -1.58 7.56
CA ASP E 71 -45.89 -2.17 6.50
C ASP E 71 -44.95 -2.66 5.39
N PHE E 72 -45.06 -3.94 5.05
CA PHE E 72 -44.26 -4.55 4.02
C PHE E 72 -45.17 -5.19 2.99
N THR E 73 -44.72 -5.17 1.73
CA THR E 73 -45.59 -5.56 0.63
C THR E 73 -44.78 -6.30 -0.43
N LEU E 74 -45.35 -7.38 -0.94
CA LEU E 74 -44.77 -8.14 -2.04
C LEU E 74 -45.65 -7.94 -3.27
N THR E 75 -45.04 -7.50 -4.36
CA THR E 75 -45.76 -7.20 -5.58
C THR E 75 -45.41 -8.21 -6.65
N ILE E 76 -46.42 -8.63 -7.41
CA ILE E 76 -46.25 -9.54 -8.54
C ILE E 76 -46.65 -8.79 -9.79
N SER E 77 -45.72 -8.68 -10.75
CA SER E 77 -45.98 -7.91 -11.96
C SER E 77 -47.12 -8.53 -12.77
N ARG E 78 -47.14 -9.85 -12.86
CA ARG E 78 -48.16 -10.54 -13.65
C ARG E 78 -48.47 -11.87 -13.00
N LEU E 79 -49.75 -12.28 -13.05
CA LEU E 79 -50.16 -13.57 -12.55
C LEU E 79 -50.06 -14.62 -13.64
N GLU E 80 -49.67 -15.82 -13.25
CA GLU E 80 -49.46 -16.95 -14.13
C GLU E 80 -50.01 -18.20 -13.47
N PRO E 81 -50.33 -19.25 -14.25
CA PRO E 81 -51.00 -20.40 -13.65
C PRO E 81 -50.10 -21.31 -12.83
N GLU E 82 -48.80 -21.03 -12.74
CA GLU E 82 -47.97 -21.70 -11.75
C GLU E 82 -47.84 -20.90 -10.47
N ASP E 83 -48.59 -19.81 -10.32
CA ASP E 83 -48.45 -18.90 -9.19
C ASP E 83 -49.64 -18.93 -8.25
N PHE E 84 -50.51 -19.93 -8.35
CA PHE E 84 -51.66 -20.04 -7.46
C PHE E 84 -51.26 -20.88 -6.25
N ALA E 85 -51.02 -20.23 -5.12
CA ALA E 85 -50.58 -20.90 -3.92
C ALA E 85 -50.83 -19.99 -2.72
N VAL E 86 -50.32 -20.37 -1.56
CA VAL E 86 -50.45 -19.59 -0.33
C VAL E 86 -49.07 -19.05 0.04
N TYR E 87 -49.02 -17.78 0.42
CA TYR E 87 -47.76 -17.10 0.69
C TYR E 87 -47.72 -16.65 2.14
N TYR E 88 -46.51 -16.53 2.68
CA TYR E 88 -46.29 -16.17 4.07
C TYR E 88 -45.22 -15.09 4.17
N CYS E 89 -45.30 -14.30 5.25
CA CYS E 89 -44.30 -13.30 5.56
C CYS E 89 -43.70 -13.58 6.93
N GLN E 90 -42.38 -13.45 7.02
CA GLN E 90 -41.61 -13.87 8.19
C GLN E 90 -40.87 -12.68 8.78
N GLN E 91 -40.63 -12.73 10.09
CA GLN E 91 -39.70 -11.84 10.74
C GLN E 91 -38.83 -12.62 11.70
N HIS E 92 -37.59 -12.18 11.86
CA HIS E 92 -36.73 -12.69 12.92
C HIS E 92 -35.97 -11.55 13.58
N ASP E 93 -36.63 -10.42 13.78
CA ASP E 93 -36.03 -9.32 14.52
C ASP E 93 -35.87 -9.68 15.99
N THR E 94 -36.94 -10.18 16.60
CA THR E 94 -36.89 -10.72 17.96
C THR E 94 -37.61 -12.06 17.94
N SER E 95 -36.90 -13.11 18.32
CA SER E 95 -37.39 -14.49 18.22
C SER E 95 -37.74 -14.73 16.75
N LEU E 96 -38.87 -15.35 16.45
CA LEU E 96 -39.24 -15.64 15.07
C LEU E 96 -40.72 -15.98 15.02
N THR E 97 -41.39 -15.57 13.95
CA THR E 97 -42.81 -15.86 13.81
C THR E 97 -43.17 -15.90 12.33
N PHE E 98 -44.32 -16.49 12.04
CA PHE E 98 -44.84 -16.63 10.70
C PHE E 98 -46.21 -15.97 10.60
N GLY E 99 -46.55 -15.50 9.41
CA GLY E 99 -47.82 -14.85 9.20
C GLY E 99 -48.97 -15.83 9.04
N GLY E 100 -50.17 -15.28 8.97
CA GLY E 100 -51.35 -16.11 8.80
C GLY E 100 -51.43 -16.78 7.45
N GLY E 101 -51.06 -16.06 6.40
CA GLY E 101 -51.10 -16.62 5.06
C GLY E 101 -52.16 -15.96 4.20
N THR E 102 -51.88 -15.90 2.90
CA THR E 102 -52.78 -15.31 1.92
C THR E 102 -52.87 -16.24 0.72
N LYS E 103 -54.10 -16.49 0.27
CA LYS E 103 -54.36 -17.37 -0.86
C LYS E 103 -54.91 -16.58 -2.03
N VAL E 104 -54.40 -16.86 -3.22
CA VAL E 104 -54.86 -16.21 -4.46
C VAL E 104 -55.33 -17.30 -5.40
N GLU E 105 -56.57 -17.18 -5.89
CA GLU E 105 -57.15 -18.17 -6.77
C GLU E 105 -57.79 -17.48 -7.97
N ILE E 106 -58.25 -18.31 -8.92
CA ILE E 106 -58.74 -17.82 -10.19
C ILE E 106 -60.07 -17.10 -10.01
N LYS E 107 -60.22 -15.98 -10.70
CA LYS E 107 -61.50 -15.29 -10.80
C LYS E 107 -62.19 -15.72 -12.09
N ARG E 108 -63.50 -15.97 -12.00
CA ARG E 108 -64.28 -16.40 -13.15
C ARG E 108 -65.76 -16.13 -12.93
N ILE F 3 -11.86 -31.92 2.90
CA ILE F 3 -11.89 -30.47 3.13
C ILE F 3 -12.39 -30.19 4.53
N THR F 4 -13.70 -29.92 4.65
CA THR F 4 -14.39 -29.75 5.93
C THR F 4 -13.89 -28.52 6.68
N ASN F 5 -14.64 -28.09 7.69
CA ASN F 5 -14.29 -26.96 8.54
C ASN F 5 -13.90 -25.71 7.75
N LEU F 6 -14.84 -25.17 6.97
CA LEU F 6 -14.63 -23.93 6.26
C LEU F 6 -14.76 -22.76 7.23
N CYS F 7 -13.91 -21.75 7.04
CA CYS F 7 -13.88 -20.62 7.96
C CYS F 7 -15.15 -19.78 7.83
N PRO F 8 -15.58 -19.15 8.91
CA PRO F 8 -16.87 -18.44 8.93
C PRO F 8 -16.76 -16.99 8.45
N PHE F 9 -16.39 -16.82 7.19
CA PHE F 9 -16.32 -15.47 6.64
C PHE F 9 -17.67 -14.94 6.21
N ASP F 10 -18.67 -15.80 6.08
CA ASP F 10 -20.02 -15.35 5.77
C ASP F 10 -20.81 -14.93 7.01
N GLU F 11 -20.31 -15.23 8.20
CA GLU F 11 -20.93 -14.82 9.44
C GLU F 11 -20.52 -13.41 9.85
N VAL F 12 -19.56 -12.82 9.16
CA VAL F 12 -19.07 -11.49 9.49
C VAL F 12 -19.35 -10.46 8.41
N PHE F 13 -19.70 -10.89 7.20
CA PHE F 13 -20.02 -9.94 6.13
C PHE F 13 -21.52 -9.79 5.91
N ASN F 14 -22.31 -10.80 6.28
CA ASN F 14 -23.75 -10.80 6.09
C ASN F 14 -24.51 -10.69 7.40
N ALA F 15 -23.89 -10.15 8.45
CA ALA F 15 -24.59 -10.03 9.72
C ALA F 15 -25.68 -8.96 9.62
N THR F 16 -26.61 -9.01 10.58
CA THR F 16 -27.73 -8.07 10.56
C THR F 16 -27.33 -6.73 11.18
N ARG F 17 -26.86 -6.76 12.42
CA ARG F 17 -26.49 -5.55 13.15
C ARG F 17 -24.97 -5.44 13.19
N PHE F 18 -24.46 -4.29 12.76
CA PHE F 18 -23.03 -4.00 12.80
C PHE F 18 -22.74 -3.10 13.99
N ALA F 19 -21.62 -3.34 14.66
CA ALA F 19 -21.28 -2.64 15.89
C ALA F 19 -20.86 -1.20 15.60
N SER F 20 -20.93 -0.37 16.65
CA SER F 20 -20.47 1.00 16.54
C SER F 20 -18.94 1.06 16.56
N VAL F 21 -18.41 2.21 16.16
CA VAL F 21 -16.96 2.34 15.99
C VAL F 21 -16.24 2.17 17.32
N TYR F 22 -16.73 2.84 18.36
CA TYR F 22 -16.09 2.73 19.66
C TYR F 22 -16.30 1.37 20.31
N ALA F 23 -17.26 0.58 19.83
CA ALA F 23 -17.52 -0.76 20.34
C ALA F 23 -17.26 -1.79 19.26
N TRP F 24 -16.14 -1.64 18.55
CA TRP F 24 -15.82 -2.53 17.45
C TRP F 24 -15.56 -3.93 17.97
N ASN F 25 -16.39 -4.88 17.54
CA ASN F 25 -16.27 -6.26 18.01
C ASN F 25 -15.02 -6.91 17.43
N ARG F 26 -14.53 -7.92 18.13
CA ARG F 26 -13.35 -8.67 17.72
C ARG F 26 -13.71 -10.15 17.72
N LYS F 27 -13.39 -10.83 16.61
CA LYS F 27 -13.72 -12.24 16.46
C LYS F 27 -12.46 -13.05 16.24
N ARG F 28 -12.46 -14.26 16.79
CA ARG F 28 -11.33 -15.18 16.74
C ARG F 28 -11.63 -16.29 15.74
N ILE F 29 -10.76 -16.44 14.75
CA ILE F 29 -10.90 -17.46 13.73
C ILE F 29 -9.69 -18.38 13.82
N SER F 30 -9.94 -19.67 14.02
CA SER F 30 -8.85 -20.63 14.12
C SER F 30 -9.34 -22.02 13.75
N ASN F 31 -8.41 -22.87 13.32
CA ASN F 31 -8.67 -24.28 13.02
C ASN F 31 -9.74 -24.44 11.95
N CYS F 32 -9.49 -23.83 10.80
CA CYS F 32 -10.45 -23.88 9.70
C CYS F 32 -9.74 -23.58 8.39
N VAL F 33 -10.25 -24.19 7.32
CA VAL F 33 -9.73 -23.94 5.98
C VAL F 33 -10.38 -22.66 5.45
N ALA F 34 -9.55 -21.68 5.11
CA ALA F 34 -10.01 -20.37 4.67
C ALA F 34 -10.05 -20.33 3.15
N ASP F 35 -11.24 -20.08 2.61
CA ASP F 35 -11.45 -19.96 1.17
C ASP F 35 -11.74 -18.51 0.87
N TYR F 36 -10.75 -17.79 0.35
CA TYR F 36 -10.89 -16.37 0.05
C TYR F 36 -11.52 -16.13 -1.32
N SER F 37 -12.21 -17.12 -1.86
CA SER F 37 -12.98 -16.92 -3.09
C SER F 37 -14.34 -16.29 -2.84
N VAL F 38 -14.78 -16.23 -1.58
CA VAL F 38 -16.08 -15.64 -1.27
C VAL F 38 -16.07 -14.15 -1.60
N LEU F 39 -14.99 -13.46 -1.24
CA LEU F 39 -14.87 -12.04 -1.58
C LEU F 39 -14.24 -11.83 -2.96
N TYR F 40 -13.84 -12.90 -3.65
CA TYR F 40 -13.33 -12.73 -5.01
C TYR F 40 -14.43 -12.37 -6.01
N ASN F 41 -15.70 -12.58 -5.66
CA ASN F 41 -16.78 -12.08 -6.49
C ASN F 41 -18.01 -11.83 -5.60
N LEU F 42 -18.15 -10.59 -5.15
CA LEU F 42 -19.33 -10.17 -4.39
C LEU F 42 -19.44 -8.66 -4.42
N ALA F 43 -20.67 -8.17 -4.28
CA ALA F 43 -20.99 -6.77 -4.03
C ALA F 43 -20.23 -5.83 -4.94
N PRO F 44 -20.59 -5.72 -6.22
CA PRO F 44 -19.74 -4.99 -7.16
C PRO F 44 -19.73 -3.49 -6.93
N PHE F 45 -19.50 -3.09 -5.69
CA PHE F 45 -19.25 -1.70 -5.34
C PHE F 45 -18.22 -1.55 -4.24
N PHE F 46 -17.62 -2.63 -3.76
CA PHE F 46 -16.74 -2.60 -2.61
C PHE F 46 -15.33 -2.19 -3.00
N THR F 47 -14.57 -1.72 -2.02
CA THR F 47 -13.19 -1.30 -2.21
C THR F 47 -12.29 -2.24 -1.42
N PHE F 48 -11.50 -3.04 -2.12
CA PHE F 48 -10.60 -4.01 -1.50
C PHE F 48 -9.17 -3.50 -1.60
N LYS F 49 -8.53 -3.33 -0.45
CA LYS F 49 -7.12 -2.98 -0.39
C LYS F 49 -6.46 -3.82 0.69
N CYS F 50 -5.31 -4.41 0.39
CA CYS F 50 -4.61 -5.25 1.34
C CYS F 50 -3.17 -4.77 1.48
N TYR F 51 -2.68 -4.78 2.71
CA TYR F 51 -1.36 -4.25 3.04
C TYR F 51 -0.54 -5.29 3.75
N GLY F 52 0.72 -5.45 3.32
CA GLY F 52 1.64 -6.39 3.92
C GLY F 52 1.70 -7.75 3.27
N VAL F 53 0.83 -8.03 2.30
CA VAL F 53 0.83 -9.32 1.62
C VAL F 53 0.21 -9.11 0.25
N SER F 54 0.63 -9.93 -0.71
CA SER F 54 0.11 -9.81 -2.06
C SER F 54 -1.36 -10.19 -2.07
N PRO F 55 -2.24 -9.35 -2.59
CA PRO F 55 -3.69 -9.68 -2.57
C PRO F 55 -4.02 -10.99 -3.26
N THR F 56 -3.45 -11.25 -4.44
CA THR F 56 -3.77 -12.50 -5.14
C THR F 56 -2.79 -13.62 -4.85
N LYS F 57 -2.43 -13.80 -3.57
CA LYS F 57 -1.66 -14.92 -3.07
C LYS F 57 -2.26 -15.48 -1.78
N LEU F 58 -3.47 -15.05 -1.42
CA LEU F 58 -4.01 -15.39 -0.11
C LEU F 58 -4.25 -16.89 0.04
N ASN F 59 -4.72 -17.56 -1.01
CA ASN F 59 -4.97 -18.99 -0.91
C ASN F 59 -3.69 -19.77 -1.15
N ASP F 60 -2.60 -19.37 -0.50
CA ASP F 60 -1.35 -20.10 -0.56
C ASP F 60 -0.58 -20.08 0.75
N LEU F 61 -1.11 -19.49 1.80
CA LEU F 61 -0.34 -19.23 3.01
C LEU F 61 -1.04 -19.83 4.22
N CYS F 62 -0.25 -20.30 5.17
CA CYS F 62 -0.75 -20.86 6.42
C CYS F 62 -0.36 -19.96 7.57
N PHE F 63 -1.34 -19.53 8.36
CA PHE F 63 -1.14 -18.61 9.46
C PHE F 63 -1.54 -19.28 10.76
N THR F 64 -1.39 -18.55 11.86
CA THR F 64 -1.74 -19.09 13.18
C THR F 64 -3.15 -18.70 13.59
N ASN F 65 -3.41 -17.39 13.72
CA ASN F 65 -4.73 -16.87 14.04
C ASN F 65 -5.10 -15.77 13.05
N VAL F 66 -6.40 -15.60 12.85
CA VAL F 66 -6.93 -14.55 11.97
C VAL F 66 -7.94 -13.73 12.76
N TYR F 67 -7.81 -12.41 12.70
CA TYR F 67 -8.68 -11.49 13.40
C TYR F 67 -9.68 -10.89 12.43
N ALA F 68 -10.79 -10.37 12.97
CA ALA F 68 -11.80 -9.71 12.16
C ALA F 68 -12.57 -8.74 13.03
N ASP F 69 -12.53 -7.46 12.66
CA ASP F 69 -13.23 -6.41 13.38
C ASP F 69 -14.15 -5.67 12.42
N SER F 70 -15.31 -5.26 12.91
CA SER F 70 -16.31 -4.64 12.05
C SER F 70 -16.88 -3.40 12.73
N PHE F 71 -17.17 -2.38 11.91
CA PHE F 71 -17.74 -1.14 12.41
C PHE F 71 -18.35 -0.37 11.24
N VAL F 72 -19.15 0.64 11.58
CA VAL F 72 -19.83 1.48 10.59
C VAL F 72 -19.33 2.91 10.75
N ILE F 73 -18.75 3.45 9.68
CA ILE F 73 -18.19 4.80 9.70
C ILE F 73 -18.85 5.65 8.64
N ARG F 74 -18.42 6.91 8.51
CA ARG F 74 -18.99 7.82 7.54
C ARG F 74 -18.46 7.52 6.14
N GLY F 75 -19.16 8.06 5.14
CA GLY F 75 -18.80 7.77 3.76
C GLY F 75 -17.46 8.34 3.35
N ASP F 76 -17.15 9.55 3.81
CA ASP F 76 -15.90 10.21 3.44
C ASP F 76 -14.74 9.83 4.35
N GLU F 77 -14.98 9.07 5.40
CA GLU F 77 -13.94 8.69 6.35
C GLU F 77 -13.27 7.36 6.02
N VAL F 78 -13.66 6.71 4.92
CA VAL F 78 -13.08 5.41 4.59
C VAL F 78 -11.59 5.54 4.29
N ARG F 79 -11.16 6.71 3.82
CA ARG F 79 -9.75 6.91 3.50
C ARG F 79 -8.87 6.83 4.74
N GLN F 80 -9.39 7.22 5.90
CA GLN F 80 -8.57 7.32 7.09
C GLN F 80 -8.20 5.95 7.66
N ILE F 81 -8.87 4.88 7.23
CA ILE F 81 -8.59 3.54 7.75
C ILE F 81 -7.47 2.96 6.89
N ALA F 82 -6.23 3.28 7.25
CA ALA F 82 -5.06 2.80 6.53
C ALA F 82 -3.84 3.00 7.41
N PRO F 83 -2.80 2.17 7.24
CA PRO F 83 -1.56 2.41 7.98
C PRO F 83 -0.88 3.69 7.53
N GLY F 84 -0.21 4.33 8.48
CA GLY F 84 0.48 5.59 8.18
C GLY F 84 -0.44 6.71 7.78
N GLN F 85 -1.64 6.75 8.35
CA GLN F 85 -2.60 7.81 8.09
C GLN F 85 -3.20 8.28 9.40
N THR F 86 -3.55 9.57 9.44
CA THR F 86 -4.08 10.19 10.64
C THR F 86 -5.36 10.95 10.31
N GLY F 87 -6.11 11.27 11.35
CA GLY F 87 -7.36 11.99 11.19
C GLY F 87 -8.17 11.89 12.47
N ASN F 88 -9.45 12.25 12.35
CA ASN F 88 -10.34 12.15 13.49
C ASN F 88 -10.63 10.69 13.83
N ILE F 89 -11.01 9.89 12.83
CA ILE F 89 -11.31 8.49 13.10
C ILE F 89 -10.03 7.72 13.40
N ALA F 90 -8.99 7.94 12.59
CA ALA F 90 -7.78 7.14 12.72
C ALA F 90 -7.12 7.34 14.07
N ASP F 91 -6.94 8.59 14.49
CA ASP F 91 -6.24 8.86 15.74
C ASP F 91 -7.10 8.50 16.95
N TYR F 92 -8.41 8.67 16.84
CA TYR F 92 -9.22 8.84 18.03
C TYR F 92 -10.15 7.67 18.28
N ASN F 93 -10.45 6.87 17.26
CA ASN F 93 -11.40 5.77 17.37
C ASN F 93 -10.81 4.42 17.00
N TYR F 94 -10.13 4.32 15.86
CA TYR F 94 -9.55 3.06 15.39
C TYR F 94 -8.25 3.37 14.67
N LYS F 95 -7.14 2.88 15.22
CA LYS F 95 -5.80 3.14 14.69
C LYS F 95 -5.21 1.85 14.14
N LEU F 96 -4.81 1.88 12.87
CA LEU F 96 -4.17 0.73 12.24
C LEU F 96 -2.66 0.90 12.30
N PRO F 97 -1.93 -0.01 12.92
CA PRO F 97 -0.47 0.15 13.01
C PRO F 97 0.20 -0.05 11.66
N ASP F 98 1.47 0.37 11.60
CA ASP F 98 2.25 0.21 10.38
C ASP F 98 2.44 -1.26 10.01
N ASP F 99 2.73 -2.10 11.01
CA ASP F 99 2.86 -3.54 10.79
C ASP F 99 1.45 -4.13 10.75
N PHE F 100 0.79 -3.94 9.61
CA PHE F 100 -0.63 -4.29 9.47
C PHE F 100 -0.82 -5.74 9.03
N THR F 101 -0.07 -6.17 8.01
CA THR F 101 -0.16 -7.51 7.40
C THR F 101 -1.61 -8.02 7.35
N GLY F 102 -2.46 -7.22 6.70
CA GLY F 102 -3.86 -7.57 6.58
C GLY F 102 -4.52 -6.78 5.47
N CYS F 103 -5.81 -7.05 5.27
CA CYS F 103 -6.60 -6.42 4.23
C CYS F 103 -7.72 -5.60 4.85
N VAL F 104 -8.31 -4.71 4.04
CA VAL F 104 -9.39 -3.84 4.49
C VAL F 104 -10.49 -3.85 3.43
N ILE F 105 -11.74 -4.00 3.88
CA ILE F 105 -12.90 -4.11 2.99
C ILE F 105 -13.96 -3.12 3.42
N ALA F 106 -14.55 -2.40 2.46
CA ALA F 106 -15.61 -1.45 2.75
C ALA F 106 -16.60 -1.46 1.60
N TRP F 107 -17.87 -1.19 1.92
CA TRP F 107 -18.91 -1.19 0.91
C TRP F 107 -20.08 -0.33 1.38
N ASN F 108 -20.94 0.04 0.44
CA ASN F 108 -22.05 0.92 0.71
C ASN F 108 -23.16 0.18 1.44
N SER F 109 -23.79 0.86 2.40
CA SER F 109 -24.82 0.25 3.23
C SER F 109 -26.00 1.20 3.39
N ASN F 110 -26.40 1.87 2.31
CA ASN F 110 -27.50 2.83 2.39
C ASN F 110 -28.82 2.14 2.70
N LYS F 111 -29.14 1.07 1.96
CA LYS F 111 -30.47 0.47 2.02
C LYS F 111 -30.77 -0.20 3.36
N LEU F 112 -29.76 -0.40 4.21
CA LEU F 112 -29.95 -1.09 5.47
C LEU F 112 -29.70 -0.23 6.70
N ASP F 113 -28.94 0.85 6.55
CA ASP F 113 -28.57 1.70 7.69
C ASP F 113 -29.13 3.11 7.57
N SER F 114 -30.18 3.30 6.79
CA SER F 114 -30.81 4.61 6.61
C SER F 114 -32.21 4.61 7.19
N LYS F 115 -32.54 5.68 7.91
CA LYS F 115 -33.87 5.88 8.46
C LYS F 115 -34.44 7.18 7.92
N VAL F 116 -35.73 7.17 7.57
CA VAL F 116 -36.38 8.36 7.03
C VAL F 116 -36.33 9.50 8.04
N SER F 117 -36.61 9.20 9.31
CA SER F 117 -36.54 10.18 10.36
C SER F 117 -35.13 10.38 10.91
N GLY F 118 -34.16 9.61 10.43
CA GLY F 118 -32.79 9.71 10.91
C GLY F 118 -32.47 8.67 11.94
N ASN F 119 -31.38 7.93 11.74
CA ASN F 119 -30.98 6.86 12.65
C ASN F 119 -29.91 7.35 13.60
N TYR F 120 -30.14 7.17 14.90
CA TYR F 120 -29.23 7.60 15.94
C TYR F 120 -28.56 6.44 16.66
N ASN F 121 -28.51 5.27 16.01
CA ASN F 121 -27.92 4.10 16.66
C ASN F 121 -26.41 4.08 16.61
N TYR F 122 -25.78 4.92 15.80
CA TYR F 122 -24.34 4.91 15.62
C TYR F 122 -23.73 6.17 16.22
N LEU F 123 -22.73 5.99 17.09
CA LEU F 123 -22.09 7.08 17.80
C LEU F 123 -20.58 6.93 17.67
N TYR F 124 -19.87 8.06 17.85
CA TYR F 124 -18.42 8.06 17.80
C TYR F 124 -17.89 9.07 18.81
N ARG F 125 -16.63 8.88 19.19
CA ARG F 125 -15.97 9.74 20.16
C ARG F 125 -15.19 10.83 19.44
N LEU F 126 -15.51 12.09 19.75
CA LEU F 126 -14.86 13.23 19.13
C LEU F 126 -13.82 13.88 20.02
N PHE F 127 -13.91 13.72 21.34
CA PHE F 127 -13.01 14.35 22.30
C PHE F 127 -12.52 13.32 23.29
N ARG F 128 -11.23 13.01 23.24
CA ARG F 128 -10.58 12.07 24.14
C ARG F 128 -9.51 12.83 24.90
N LYS F 129 -9.05 12.27 26.03
CA LYS F 129 -7.90 12.87 26.70
C LYS F 129 -6.62 12.68 25.89
N SER F 130 -6.37 11.49 25.38
CA SER F 130 -5.11 11.23 24.68
C SER F 130 -5.31 10.19 23.59
N ASN F 131 -4.41 10.22 22.61
CA ASN F 131 -4.47 9.29 21.49
C ASN F 131 -4.28 7.86 21.97
N LEU F 132 -4.93 6.94 21.26
CA LEU F 132 -4.93 5.54 21.64
C LEU F 132 -3.87 4.75 20.85
N LYS F 133 -3.38 3.69 21.49
CA LYS F 133 -2.41 2.81 20.87
C LYS F 133 -3.07 1.95 19.80
N PRO F 134 -2.29 1.38 18.88
CA PRO F 134 -2.89 0.47 17.89
C PRO F 134 -3.58 -0.69 18.57
N PHE F 135 -4.74 -1.07 18.02
CA PHE F 135 -5.56 -2.16 18.57
C PHE F 135 -5.92 -1.88 20.03
N GLU F 136 -6.41 -0.68 20.29
CA GLU F 136 -6.86 -0.28 21.62
C GLU F 136 -8.30 0.20 21.54
N ARG F 137 -9.11 -0.23 22.52
CA ARG F 137 -10.51 0.11 22.58
C ARG F 137 -10.83 0.74 23.92
N ASP F 138 -11.65 1.79 23.90
CA ASP F 138 -12.02 2.54 25.10
C ASP F 138 -13.55 2.67 25.13
N ILE F 139 -14.22 1.68 25.70
CA ILE F 139 -15.67 1.75 25.89
C ILE F 139 -15.90 2.39 27.25
N SER F 140 -15.85 3.73 27.26
CA SER F 140 -16.03 4.50 28.49
C SER F 140 -16.33 5.93 28.11
N THR F 141 -17.47 6.44 28.54
CA THR F 141 -17.84 7.84 28.35
C THR F 141 -17.82 8.54 29.70
N GLU F 142 -17.14 9.69 29.75
CA GLU F 142 -16.99 10.45 30.99
C GLU F 142 -16.96 11.92 30.65
N ILE F 143 -17.26 12.75 31.64
CA ILE F 143 -17.35 14.19 31.41
C ILE F 143 -16.02 14.70 30.91
N TYR F 144 -16.04 15.32 29.73
CA TYR F 144 -14.83 15.79 29.06
C TYR F 144 -14.65 17.28 29.35
N GLN F 145 -13.58 17.61 30.06
CA GLN F 145 -13.28 18.98 30.43
C GLN F 145 -12.17 19.51 29.54
N ALA F 146 -12.42 20.63 28.86
CA ALA F 146 -11.43 21.27 28.01
C ALA F 146 -10.72 22.43 28.69
N GLY F 147 -11.38 23.10 29.64
CA GLY F 147 -10.77 24.21 30.35
C GLY F 147 -10.01 23.76 31.58
N ASN F 148 -10.14 24.50 32.68
CA ASN F 148 -9.45 24.19 33.92
C ASN F 148 -10.37 23.99 35.12
N LYS F 149 -11.63 24.37 35.02
CA LYS F 149 -12.56 24.23 36.13
C LYS F 149 -13.34 22.93 35.98
N PRO F 150 -13.16 21.95 36.86
CA PRO F 150 -13.93 20.71 36.76
C PRO F 150 -15.38 20.92 37.14
N CYS F 151 -16.23 20.05 36.60
CA CYS F 151 -17.66 20.06 36.90
C CYS F 151 -18.06 18.72 37.51
N ASN F 152 -19.06 18.76 38.39
CA ASN F 152 -19.48 17.59 39.14
C ASN F 152 -20.41 16.70 38.31
N GLY F 153 -19.87 16.22 37.19
CA GLY F 153 -20.62 15.31 36.34
C GLY F 153 -21.80 15.90 35.62
N VAL F 154 -21.81 17.21 35.42
CA VAL F 154 -22.92 17.90 34.76
C VAL F 154 -22.40 18.52 33.47
N ALA F 155 -23.09 18.24 32.37
CA ALA F 155 -22.70 18.79 31.08
C ALA F 155 -22.96 20.30 31.04
N GLY F 156 -22.20 20.99 30.19
CA GLY F 156 -22.33 22.42 30.06
C GLY F 156 -21.06 23.01 29.46
N PHE F 157 -20.79 24.25 29.84
CA PHE F 157 -19.58 24.93 29.37
C PHE F 157 -18.34 24.21 29.91
N ASN F 158 -17.36 24.00 29.04
CA ASN F 158 -16.12 23.29 29.35
C ASN F 158 -16.38 21.88 29.87
N CYS F 159 -17.54 21.31 29.57
CA CYS F 159 -17.89 19.95 29.99
C CYS F 159 -18.77 19.35 28.90
N TYR F 160 -18.14 18.61 27.99
CA TYR F 160 -18.79 18.09 26.79
C TYR F 160 -18.87 16.58 26.85
N PHE F 161 -20.03 16.04 26.48
CA PHE F 161 -20.16 14.60 26.36
C PHE F 161 -19.21 14.09 25.29
N PRO F 162 -18.34 13.12 25.60
CA PRO F 162 -17.29 12.75 24.64
C PRO F 162 -17.78 12.04 23.39
N LEU F 163 -19.03 11.58 23.35
CA LEU F 163 -19.54 10.83 22.22
C LEU F 163 -20.57 11.65 21.44
N ARG F 164 -20.57 11.47 20.13
CA ARG F 164 -21.48 12.19 19.24
C ARG F 164 -22.15 11.22 18.29
N SER F 165 -23.41 11.49 17.98
CA SER F 165 -24.21 10.63 17.12
C SER F 165 -23.88 10.93 15.66
N TYR F 166 -24.62 10.33 14.73
CA TYR F 166 -24.40 10.50 13.31
C TYR F 166 -25.63 11.00 12.57
N SER F 167 -26.82 10.50 12.93
CA SER F 167 -28.08 10.92 12.32
C SER F 167 -28.06 10.74 10.80
N PHE F 168 -27.91 9.48 10.39
CA PHE F 168 -27.89 9.16 8.97
C PHE F 168 -29.26 9.37 8.35
N ARG F 169 -29.29 9.93 7.15
CA ARG F 169 -30.53 10.16 6.42
C ARG F 169 -30.39 9.72 4.98
N PRO F 170 -31.49 9.29 4.35
CA PRO F 170 -31.40 8.82 2.97
C PRO F 170 -31.07 9.92 1.97
N THR F 171 -31.27 11.19 2.32
CA THR F 171 -31.13 12.29 1.37
C THR F 171 -29.75 12.95 1.43
N TYR F 172 -28.83 12.43 2.22
CA TYR F 172 -27.51 13.04 2.36
C TYR F 172 -26.67 12.71 1.13
N GLY F 173 -25.38 13.06 1.18
CA GLY F 173 -24.48 12.83 0.07
C GLY F 173 -23.79 11.49 0.15
N VAL F 174 -23.00 11.21 -0.89
CA VAL F 174 -22.27 9.95 -0.97
C VAL F 174 -21.23 9.86 0.14
N GLY F 175 -20.61 10.99 0.48
CA GLY F 175 -19.64 11.00 1.55
C GLY F 175 -20.23 11.08 2.94
N HIS F 176 -21.54 11.22 3.05
CA HIS F 176 -22.21 11.29 4.34
C HIS F 176 -23.02 10.04 4.66
N GLN F 177 -23.23 9.14 3.67
CA GLN F 177 -23.96 7.90 3.81
C GLN F 177 -23.17 6.90 4.64
N PRO F 178 -23.85 6.05 5.41
CA PRO F 178 -23.12 5.06 6.21
C PRO F 178 -22.40 4.04 5.36
N TYR F 179 -21.23 3.62 5.82
CA TYR F 179 -20.40 2.64 5.12
C TYR F 179 -19.94 1.58 6.11
N ARG F 180 -20.07 0.31 5.73
CA ARG F 180 -19.68 -0.80 6.57
C ARG F 180 -18.27 -1.26 6.21
N VAL F 181 -17.43 -1.41 7.23
CA VAL F 181 -16.01 -1.71 7.02
C VAL F 181 -15.65 -2.91 7.89
N VAL F 182 -14.93 -3.86 7.29
CA VAL F 182 -14.38 -5.00 8.01
C VAL F 182 -12.88 -5.06 7.76
N VAL F 183 -12.12 -5.33 8.82
CA VAL F 183 -10.67 -5.35 8.76
C VAL F 183 -10.19 -6.71 9.24
N LEU F 184 -9.34 -7.35 8.42
CA LEU F 184 -8.75 -8.63 8.74
C LEU F 184 -7.29 -8.45 9.10
N SER F 185 -6.88 -9.02 10.22
CA SER F 185 -5.51 -8.94 10.70
C SER F 185 -4.94 -10.33 10.81
N PHE F 186 -3.83 -10.58 10.12
CA PHE F 186 -3.18 -11.89 10.10
C PHE F 186 -2.04 -11.92 11.11
N GLU F 187 -1.88 -13.08 11.74
CA GLU F 187 -0.84 -13.24 12.75
C GLU F 187 0.03 -14.46 12.45
C1 NAG G . 34.14 8.13 -3.55
C2 NAG G . 35.22 7.08 -3.76
C3 NAG G . 36.10 6.97 -2.52
C4 NAG G . 36.63 8.33 -2.09
C5 NAG G . 35.49 9.34 -1.99
C6 NAG G . 35.96 10.75 -1.73
C7 NAG G . 35.29 4.84 -4.75
C8 NAG G . 34.55 3.57 -5.00
N2 NAG G . 34.64 5.79 -4.09
O3 NAG G . 37.21 6.11 -2.81
O4 NAG G . 37.25 8.21 -0.81
O5 NAG G . 34.74 9.37 -3.21
O6 NAG G . 36.35 11.37 -2.95
O7 NAG G . 36.44 5.00 -5.15
C1 NAG G . 38.64 8.57 -0.87
C2 NAG G . 39.11 8.75 0.58
C3 NAG G . 40.60 9.09 0.60
C4 NAG G . 41.40 8.06 -0.18
C5 NAG G . 40.82 7.91 -1.59
C6 NAG G . 41.49 6.81 -2.39
C7 NAG G . 37.23 9.50 1.95
C8 NAG G . 36.57 10.68 2.59
N2 NAG G . 38.35 9.77 1.26
O3 NAG G . 41.05 9.13 1.94
O4 NAG G . 42.76 8.45 -0.28
O5 NAG G . 39.42 7.57 -1.52
O6 NAG G . 41.95 5.77 -1.54
O7 NAG G . 36.78 8.37 2.04
C1 FUC G . 37.21 12.49 -2.66
C2 FUC G . 38.55 12.23 -3.34
C3 FUC G . 38.36 12.16 -4.84
C4 FUC G . 37.72 13.45 -5.35
C5 FUC G . 36.45 13.75 -4.56
C6 FUC G . 35.90 15.14 -4.84
O2 FUC G . 39.18 11.05 -2.86
O3 FUC G . 39.62 12.02 -5.47
O4 FUC G . 38.63 14.53 -5.20
O5 FUC G . 36.65 13.68 -3.14
C1 NAG H . -24.13 -13.06 1.67
C2 NAG H . -22.90 -13.83 1.21
C3 NAG H . -22.84 -13.88 -0.31
C4 NAG H . -24.15 -14.37 -0.89
C5 NAG H . -25.35 -13.63 -0.30
C6 NAG H . -26.67 -14.25 -0.68
C7 NAG H . -20.53 -13.91 1.87
C8 NAG H . -19.38 -13.14 2.43
N2 NAG H . -21.68 -13.24 1.74
O3 NAG H . -21.78 -14.73 -0.72
O4 NAG H . -24.16 -14.14 -2.30
O5 NAG H . -25.28 -13.67 1.13
O6 NAG H . -26.84 -15.49 -0.01
O7 NAG H . -20.44 -15.09 1.54
C1 NAG H . -24.14 -15.37 -3.05
C2 NAG H . -24.61 -15.07 -4.47
C3 NAG H . -24.55 -16.33 -5.32
C4 NAG H . -23.16 -16.96 -5.26
C5 NAG H . -22.75 -17.18 -3.81
C6 NAG H . -21.34 -17.69 -3.66
C7 NAG H . -26.20 -13.21 -4.56
C8 NAG H . -27.65 -12.82 -4.55
N2 NAG H . -25.95 -14.52 -4.47
O3 NAG H . -24.88 -16.02 -6.66
O4 NAG H . -23.14 -18.19 -5.95
O5 NAG H . -22.82 -15.94 -3.08
O6 NAG H . -20.39 -16.73 -4.10
O7 NAG H . -25.30 -12.37 -4.63
C1 FUC H . -27.84 -16.27 -0.70
C2 FUC H . -27.25 -17.67 -0.91
C3 FUC H . -26.98 -18.32 0.44
C4 FUC H . -28.26 -18.34 1.27
C5 FUC H . -28.84 -16.93 1.37
C6 FUC H . -30.22 -16.91 1.99
O2 FUC H . -26.09 -17.66 -1.71
O3 FUC H . -26.56 -19.66 0.25
O4 FUC H . -29.20 -19.20 0.68
O5 FUC H . -28.99 -16.34 0.08
#